data_5DB5
#
_entry.id   5DB5
#
_cell.length_a   59.680
_cell.length_b   114.150
_cell.length_c   63.110
_cell.angle_alpha   90.000
_cell.angle_beta   116.210
_cell.angle_gamma   90.000
#
_symmetry.space_group_name_H-M   'P 1 21 1'
#
loop_
_entity.id
_entity.type
_entity.pdbx_description
1 polymer 'Cysteine desulfurase'
2 non-polymer "PYRIDOXAL-5'-PHOSPHATE"
3 non-polymer 1,2-ETHANEDIOL
4 non-polymer CYSTEINE
5 non-polymer 'CITRIC ACID'
6 water water
#
_entity_poly.entity_id   1
_entity_poly.type   'polypeptide(L)'
_entity_poly.pdbx_seq_one_letter_code
;SMIFSVDKVRADFPVLSREVNGLPLAYLDSAASAQKPSQVIDAEAEFYRHGYAAVHRGIHTLSAQATEKMENVRKRASLF
INARSAEELVFVRGTTEGINLVANSWGNSNVRAGDNIIISQMEHHANIVPWQMLCARVGAELRVIPLNPDGTLQLETLPT
LFDEKTRLLAITHVSNVLGTENPLAEMITLAHQHGAKVLVDGAQAVMHHPVDVQALDCDFYVFSGHKLYGPTGIGILYVK
EALLQEMPPWEGGGSMIATVSLSEGTTWTKAPWRFEAGTPNTGGIIGLGAALEYVSALGLNNIAEYEQNLMHYALSQLES
VPDLTLYGPQNRLGVIAFNLGKHHAYDVGSFLDNYGIAVRTGHH(CSS)AMPLMAYYNVPAMCRASLAMYNTHEEVDRLV
TGLQRIHRLLG
;
_entity_poly.pdbx_strand_id   A,B
#
loop_
_chem_comp.id
_chem_comp.type
_chem_comp.name
_chem_comp.formula
CIT non-polymer 'CITRIC ACID' 'C6 H8 O7'
EDO non-polymer 1,2-ETHANEDIOL 'C2 H6 O2'
PLP non-polymer PYRIDOXAL-5'-PHOSPHATE 'C8 H10 N O6 P'
#
# COMPACT_ATOMS: atom_id res chain seq x y z
N PHE A 4 30.40 12.15 12.38
CA PHE A 4 28.96 12.17 12.67
C PHE A 4 28.62 13.26 13.69
N SER A 5 27.61 14.07 13.36
CA SER A 5 27.10 15.10 14.28
C SER A 5 25.60 15.00 14.45
N VAL A 6 25.16 14.67 15.66
CA VAL A 6 23.74 14.50 15.92
C VAL A 6 22.99 15.83 15.80
N ASP A 7 23.69 16.95 15.98
CA ASP A 7 23.07 18.26 15.89
C ASP A 7 22.70 18.60 14.44
N LYS A 8 23.67 18.43 13.55
CA LYS A 8 23.46 18.64 12.13
C LYS A 8 22.39 17.68 11.61
N VAL A 9 22.35 16.47 12.16
CA VAL A 9 21.33 15.51 11.77
C VAL A 9 19.96 15.94 12.29
N ARG A 10 19.91 16.36 13.55
CA ARG A 10 18.66 16.79 14.17
C ARG A 10 18.10 18.00 13.45
N ALA A 11 19.00 18.85 12.93
CA ALA A 11 18.57 20.01 12.16
C ALA A 11 17.67 19.64 10.97
N ASP A 12 17.73 18.39 10.51
CA ASP A 12 16.97 17.98 9.32
C ASP A 12 15.54 17.51 9.62
N PHE A 13 15.22 17.32 10.91
CA PHE A 13 13.92 16.78 11.29
C PHE A 13 13.05 17.82 12.00
N PRO A 14 12.01 18.32 11.32
CA PRO A 14 11.17 19.36 11.93
C PRO A 14 10.38 18.90 13.15
N VAL A 15 9.98 17.63 13.17
CA VAL A 15 9.20 17.08 14.29
C VAL A 15 9.89 17.29 15.62
N LEU A 16 11.21 17.35 15.61
CA LEU A 16 11.97 17.50 16.86
C LEU A 16 11.73 18.88 17.47
N SER A 17 11.16 19.79 16.69
CA SER A 17 10.80 21.11 17.18
C SER A 17 9.42 21.13 17.85
N ARG A 18 8.65 20.06 17.64
CA ARG A 18 7.29 19.96 18.15
C ARG A 18 7.30 19.97 19.68
N GLU A 19 6.24 20.52 20.27
CA GLU A 19 6.02 20.44 21.70
C GLU A 19 4.85 19.53 22.05
N VAL A 20 4.99 18.83 23.18
CA VAL A 20 3.94 17.95 23.68
C VAL A 20 3.68 18.30 25.13
N ASN A 21 2.41 18.57 25.44
CA ASN A 21 2.01 19.00 26.78
C ASN A 21 2.87 20.16 27.29
N GLY A 22 3.24 21.05 26.38
CA GLY A 22 3.96 22.27 26.74
C GLY A 22 5.46 22.11 26.84
N LEU A 23 5.96 20.91 26.52
CA LEU A 23 7.37 20.59 26.68
C LEU A 23 8.02 20.12 25.38
N PRO A 24 9.36 20.28 25.27
CA PRO A 24 10.06 19.82 24.07
C PRO A 24 9.92 18.32 23.87
N LEU A 25 9.55 17.90 22.66
CA LEU A 25 9.36 16.50 22.39
C LEU A 25 10.68 15.74 22.48
N ALA A 26 10.66 14.65 23.23
CA ALA A 26 11.71 13.64 23.16
C ALA A 26 11.08 12.38 22.60
N TYR A 27 11.42 12.03 21.36
CA TYR A 27 10.76 10.91 20.71
C TYR A 27 11.63 9.67 20.76
N LEU A 28 11.26 8.76 21.66
CA LEU A 28 11.93 7.49 21.85
C LEU A 28 11.19 6.33 21.21
N ASP A 29 10.15 6.64 20.45
CA ASP A 29 9.27 5.63 19.85
C ASP A 29 9.70 5.18 18.44
N SER A 30 10.89 5.61 17.99
CA SER A 30 11.33 5.34 16.61
C SER A 30 11.14 3.90 16.15
N ALA A 31 11.25 2.95 17.07
CA ALA A 31 11.06 1.53 16.73
C ALA A 31 9.65 1.26 16.20
N ALA A 32 8.67 2.01 16.68
CA ALA A 32 7.31 1.88 16.18
C ALA A 32 7.20 2.45 14.77
N SER A 33 7.62 3.71 14.63
CA SER A 33 7.81 4.31 13.32
C SER A 33 8.85 5.41 13.42
N ALA A 34 9.62 5.60 12.36
CA ALA A 34 10.69 6.58 12.35
C ALA A 34 10.19 7.94 11.89
N GLN A 35 10.75 8.99 12.48
CA GLN A 35 10.55 10.34 11.99
C GLN A 35 11.31 10.51 10.69
N LYS A 36 10.93 11.52 9.90
CA LYS A 36 11.52 11.72 8.59
C LYS A 36 12.25 13.05 8.50
N PRO A 37 13.36 13.10 7.73
CA PRO A 37 14.00 14.38 7.47
C PRO A 37 13.25 15.20 6.41
N SER A 38 13.53 16.50 6.36
CA SER A 38 12.84 17.38 5.41
C SER A 38 13.08 16.95 3.97
N GLN A 39 14.22 16.30 3.73
CA GLN A 39 14.59 15.88 2.37
C GLN A 39 13.58 14.90 1.79
N VAL A 40 13.24 13.87 2.55
CA VAL A 40 12.27 12.87 2.13
C VAL A 40 10.90 13.50 1.86
N ILE A 41 10.39 14.20 2.87
CA ILE A 41 9.10 14.87 2.79
C ILE A 41 9.06 15.79 1.58
N ASP A 42 10.09 16.60 1.44
CA ASP A 42 10.18 17.56 0.34
C ASP A 42 10.39 16.85 -0.99
N ALA A 43 11.06 15.70 -0.97
CA ALA A 43 11.24 14.93 -2.18
C ALA A 43 9.88 14.46 -2.70
N GLU A 44 9.14 13.81 -1.81
CA GLU A 44 7.79 13.34 -2.15
C GLU A 44 6.91 14.51 -2.59
N ALA A 45 6.90 15.56 -1.78
CA ALA A 45 6.09 16.74 -2.03
C ALA A 45 6.43 17.36 -3.38
N GLU A 46 7.72 17.55 -3.64
CA GLU A 46 8.17 18.19 -4.88
C GLU A 46 7.81 17.31 -6.07
N PHE A 47 7.95 15.99 -5.90
CA PHE A 47 7.48 15.07 -6.94
C PHE A 47 6.01 15.31 -7.21
N TYR A 48 5.19 15.36 -6.16
CA TYR A 48 3.78 15.67 -6.37
C TYR A 48 3.59 17.03 -7.01
N ARG A 49 4.38 18.01 -6.59
CA ARG A 49 4.19 19.38 -7.05
C ARG A 49 4.59 19.64 -8.51
N HIS A 50 5.83 19.36 -8.89
CA HIS A 50 6.23 19.57 -10.29
C HIS A 50 6.39 18.34 -11.20
N GLY A 51 6.37 17.14 -10.64
CA GLY A 51 6.70 15.93 -11.40
C GLY A 51 5.65 14.88 -11.73
N TYR A 52 4.43 15.05 -11.24
CA TYR A 52 3.55 13.89 -11.08
C TYR A 52 2.83 13.45 -12.35
N ALA A 53 2.87 12.15 -12.57
CA ALA A 53 2.04 11.47 -13.57
C ALA A 53 1.95 10.00 -13.21
N ALA A 54 1.21 9.24 -14.02
CA ALA A 54 1.13 7.80 -13.83
C ALA A 54 2.37 7.11 -14.39
N VAL A 55 2.71 5.99 -13.78
CA VAL A 55 3.83 5.14 -14.17
C VAL A 55 3.34 4.09 -15.18
N HIS A 56 4.12 3.02 -15.36
CA HIS A 56 3.84 1.95 -16.31
C HIS A 56 4.02 2.37 -17.75
N ARG A 57 5.09 3.14 -17.98
CA ARG A 57 5.59 3.47 -19.31
C ARG A 57 4.52 4.11 -20.17
N GLY A 58 3.90 5.16 -19.63
CA GLY A 58 2.96 5.96 -20.39
C GLY A 58 3.66 6.65 -21.54
N ILE A 59 2.89 7.05 -22.54
CA ILE A 59 3.46 7.57 -23.79
C ILE A 59 4.04 8.98 -23.64
N HIS A 60 3.50 9.77 -22.71
CA HIS A 60 3.96 11.15 -22.54
C HIS A 60 5.12 11.24 -21.53
N THR A 61 5.66 12.45 -21.36
CA THR A 61 6.97 12.65 -20.74
C THR A 61 6.99 12.40 -19.22
N LEU A 62 6.06 13.04 -18.52
CA LEU A 62 5.99 12.94 -17.07
C LEU A 62 5.87 11.48 -16.62
N SER A 63 5.08 10.72 -17.35
CA SER A 63 4.85 9.31 -17.03
C SER A 63 6.12 8.47 -17.21
N ALA A 64 6.79 8.68 -18.34
CA ALA A 64 8.05 8.01 -18.63
C ALA A 64 9.08 8.31 -17.55
N GLN A 65 9.25 9.60 -17.27
CA GLN A 65 10.22 10.01 -16.25
C GLN A 65 9.86 9.43 -14.89
N ALA A 66 8.57 9.46 -14.54
CA ALA A 66 8.11 8.84 -13.30
C ALA A 66 8.48 7.36 -13.23
N THR A 67 8.17 6.63 -14.29
CA THR A 67 8.53 5.22 -14.37
C THR A 67 10.03 5.01 -14.16
N GLU A 68 10.84 5.76 -14.89
CA GLU A 68 12.28 5.65 -14.74
C GLU A 68 12.73 5.96 -13.31
N LYS A 69 12.14 6.98 -12.70
CA LYS A 69 12.41 7.29 -11.29
C LYS A 69 12.12 6.09 -10.40
N MET A 70 10.95 5.50 -10.59
CA MET A 70 10.55 4.32 -9.84
C MET A 70 11.58 3.20 -9.97
N GLU A 71 11.94 2.87 -11.21
CA GLU A 71 12.93 1.82 -11.43
C GLU A 71 14.30 2.19 -10.85
N ASN A 72 14.64 3.48 -10.91
CA ASN A 72 15.87 3.95 -10.29
C ASN A 72 15.86 3.71 -8.78
N VAL A 73 14.75 4.04 -8.13
CA VAL A 73 14.61 3.75 -6.72
C VAL A 73 14.79 2.25 -6.49
N ARG A 74 14.13 1.44 -7.31
CA ARG A 74 14.34 -0.01 -7.20
C ARG A 74 15.81 -0.38 -7.23
N LYS A 75 16.54 0.17 -8.20
CA LYS A 75 17.98 -0.06 -8.28
C LYS A 75 18.70 0.36 -7.00
N ARG A 76 18.46 1.60 -6.54
CA ARG A 76 19.09 2.10 -5.33
C ARG A 76 18.81 1.19 -4.13
N ALA A 77 17.57 0.74 -4.01
CA ALA A 77 17.19 -0.19 -2.97
C ALA A 77 18.02 -1.46 -3.11
N SER A 78 18.09 -2.01 -4.32
CA SER A 78 18.88 -3.21 -4.55
C SER A 78 20.34 -3.03 -4.13
N LEU A 79 20.93 -1.89 -4.47
CA LEU A 79 22.31 -1.61 -4.05
C LEU A 79 22.42 -1.44 -2.54
N PHE A 80 21.41 -0.84 -1.92
CA PHE A 80 21.43 -0.65 -0.48
C PHE A 80 21.61 -1.96 0.31
N ILE A 81 20.85 -2.99 -0.04
CA ILE A 81 20.95 -4.30 0.63
C ILE A 81 21.88 -5.28 -0.10
N ASN A 82 22.52 -4.80 -1.16
CA ASN A 82 23.47 -5.57 -1.94
C ASN A 82 22.90 -6.87 -2.53
N ALA A 83 21.77 -6.75 -3.22
CA ALA A 83 21.26 -7.83 -4.05
C ALA A 83 22.05 -7.84 -5.36
N ARG A 84 22.11 -9.00 -6.03
CA ARG A 84 22.79 -9.08 -7.32
C ARG A 84 22.11 -8.21 -8.36
N SER A 85 20.78 -8.30 -8.42
CA SER A 85 20.00 -7.60 -9.43
C SER A 85 18.82 -6.88 -8.79
N ALA A 86 18.44 -5.76 -9.38
CA ALA A 86 17.27 -5.00 -8.94
C ALA A 86 15.98 -5.77 -9.23
N GLU A 87 16.07 -6.75 -10.13
CA GLU A 87 14.91 -7.56 -10.47
C GLU A 87 14.57 -8.55 -9.35
N GLU A 88 15.41 -8.61 -8.33
CA GLU A 88 15.17 -9.47 -7.18
C GLU A 88 14.38 -8.74 -6.08
N LEU A 89 14.02 -7.48 -6.33
CA LEU A 89 13.31 -6.67 -5.36
C LEU A 89 11.89 -6.36 -5.81
N VAL A 90 10.95 -6.50 -4.88
CA VAL A 90 9.55 -6.19 -5.12
C VAL A 90 9.07 -5.10 -4.16
N PHE A 91 8.32 -4.14 -4.70
CA PHE A 91 7.71 -3.08 -3.89
C PHE A 91 6.45 -3.57 -3.18
N VAL A 92 6.39 -3.37 -1.87
CA VAL A 92 5.25 -3.81 -1.08
C VAL A 92 4.79 -2.70 -0.16
N ARG A 93 3.61 -2.87 0.42
CA ARG A 93 3.07 -1.90 1.37
C ARG A 93 3.97 -1.86 2.59
N GLY A 94 4.64 -2.99 2.84
CA GLY A 94 5.51 -3.11 3.99
C GLY A 94 5.90 -4.54 4.29
N THR A 95 6.65 -4.71 5.37
CA THR A 95 7.13 -6.01 5.81
C THR A 95 6.00 -7.04 5.86
N THR A 96 4.87 -6.62 6.41
CA THR A 96 3.72 -7.48 6.61
C THR A 96 3.21 -8.06 5.29
N GLU A 97 3.00 -7.17 4.32
CA GLU A 97 2.49 -7.63 3.03
C GLU A 97 3.52 -8.53 2.37
N GLY A 98 4.80 -8.19 2.50
CA GLY A 98 5.84 -9.00 1.91
C GLY A 98 5.79 -10.42 2.44
N ILE A 99 5.76 -10.52 3.77
CA ILE A 99 5.69 -11.82 4.41
C ILE A 99 4.43 -12.55 3.91
N ASN A 100 3.29 -11.87 3.90
CA ASN A 100 2.07 -12.52 3.40
C ASN A 100 2.21 -13.01 1.95
N LEU A 101 2.86 -12.20 1.14
CA LEU A 101 3.07 -12.50 -0.26
C LEU A 101 3.86 -13.79 -0.37
N VAL A 102 4.97 -13.87 0.36
CA VAL A 102 5.76 -15.09 0.36
C VAL A 102 4.94 -16.27 0.90
N ALA A 103 4.20 -16.04 1.97
CA ALA A 103 3.41 -17.08 2.63
C ALA A 103 2.39 -17.68 1.68
N ASN A 104 1.77 -16.83 0.86
CA ASN A 104 0.81 -17.30 -0.14
C ASN A 104 1.46 -17.80 -1.42
N SER A 105 2.16 -16.89 -2.12
CA SER A 105 2.76 -17.23 -3.40
C SER A 105 3.68 -18.43 -3.31
N TRP A 106 4.78 -18.29 -2.59
CA TRP A 106 5.77 -19.35 -2.48
C TRP A 106 5.26 -20.48 -1.60
N GLY A 107 4.66 -20.13 -0.47
CA GLY A 107 4.28 -21.13 0.52
C GLY A 107 3.30 -22.18 0.00
N ASN A 108 2.29 -21.77 -0.73
CA ASN A 108 1.25 -22.70 -1.17
C ASN A 108 1.78 -23.81 -2.07
N SER A 109 2.71 -23.46 -2.95
CA SER A 109 3.31 -24.46 -3.85
C SER A 109 4.42 -25.28 -3.19
N ASN A 110 5.16 -24.68 -2.25
CA ASN A 110 6.31 -25.36 -1.65
C ASN A 110 6.08 -26.03 -0.29
N VAL A 111 4.88 -25.89 0.28
CA VAL A 111 4.57 -26.46 1.59
C VAL A 111 3.30 -27.30 1.54
N ARG A 112 3.42 -28.54 1.99
CA ARG A 112 2.33 -29.51 1.86
C ARG A 112 2.02 -30.22 3.17
N ALA A 113 1.03 -31.09 3.12
CA ALA A 113 0.56 -31.80 4.30
C ALA A 113 1.67 -32.67 4.89
N GLY A 114 1.86 -32.55 6.21
CA GLY A 114 2.86 -33.32 6.91
C GLY A 114 4.17 -32.57 7.06
N ASP A 115 4.33 -31.53 6.25
CA ASP A 115 5.53 -30.70 6.34
C ASP A 115 5.46 -29.79 7.57
N ASN A 116 6.51 -28.99 7.77
CA ASN A 116 6.51 -28.05 8.89
C ASN A 116 7.35 -26.81 8.62
N ILE A 117 6.99 -25.73 9.30
CA ILE A 117 7.70 -24.47 9.22
C ILE A 117 8.24 -24.12 10.60
N ILE A 118 9.38 -23.44 10.63
CA ILE A 118 9.99 -23.01 11.89
C ILE A 118 10.00 -21.49 12.03
N ILE A 119 9.53 -21.03 13.19
CA ILE A 119 9.65 -19.63 13.58
C ILE A 119 10.31 -19.56 14.96
N SER A 120 10.39 -18.37 15.54
CA SER A 120 10.98 -18.18 16.87
C SER A 120 9.97 -17.56 17.81
N GLN A 121 10.26 -17.64 19.10
CA GLN A 121 9.31 -17.18 20.10
C GLN A 121 9.33 -15.66 20.24
N MET A 122 10.34 -15.01 19.66
CA MET A 122 10.46 -13.56 19.76
C MET A 122 9.84 -12.85 18.56
N GLU A 123 9.24 -13.62 17.65
CA GLU A 123 8.77 -13.04 16.40
C GLU A 123 7.67 -12.00 16.58
N HIS A 124 7.68 -11.02 15.68
CA HIS A 124 6.57 -10.09 15.52
C HIS A 124 5.40 -10.88 14.95
N HIS A 125 4.17 -10.47 15.26
CA HIS A 125 2.99 -11.15 14.73
C HIS A 125 3.00 -11.26 13.22
N ALA A 126 3.59 -10.25 12.57
CA ALA A 126 3.66 -10.22 11.13
C ALA A 126 4.38 -11.46 10.63
N ASN A 127 5.40 -11.87 11.38
CA ASN A 127 6.18 -13.05 11.05
C ASN A 127 5.67 -14.30 11.76
N ILE A 128 4.52 -14.20 12.41
CA ILE A 128 3.88 -15.37 13.02
C ILE A 128 2.62 -15.79 12.26
N VAL A 129 1.63 -14.91 12.24
CA VAL A 129 0.28 -15.26 11.79
C VAL A 129 0.20 -15.76 10.34
N PRO A 130 0.91 -15.12 9.40
CA PRO A 130 0.79 -15.61 8.01
C PRO A 130 1.19 -17.07 7.87
N TRP A 131 2.11 -17.54 8.71
CA TRP A 131 2.54 -18.93 8.69
C TRP A 131 1.51 -19.82 9.36
N GLN A 132 0.84 -19.31 10.38
CA GLN A 132 -0.26 -20.04 11.00
C GLN A 132 -1.36 -20.28 9.97
N MET A 133 -1.74 -19.22 9.26
CA MET A 133 -2.74 -19.31 8.19
C MET A 133 -2.34 -20.36 7.16
N LEU A 134 -1.10 -20.29 6.71
CA LEU A 134 -0.57 -21.25 5.75
C LEU A 134 -0.71 -22.69 6.24
N CYS A 135 -0.12 -22.96 7.41
CA CYS A 135 -0.18 -24.28 8.02
C CYS A 135 -1.61 -24.80 8.09
N ALA A 136 -2.52 -23.89 8.43
CA ALA A 136 -3.93 -24.23 8.46
C ALA A 136 -4.43 -24.63 7.08
N ARG A 137 -3.95 -23.96 6.04
CA ARG A 137 -4.44 -24.23 4.69
C ARG A 137 -4.04 -25.62 4.20
N VAL A 138 -2.74 -25.89 4.25
CA VAL A 138 -2.17 -27.12 3.69
C VAL A 138 -1.97 -28.24 4.72
N GLY A 139 -2.26 -27.97 5.98
CA GLY A 139 -2.10 -28.98 7.02
C GLY A 139 -0.67 -29.28 7.42
N ALA A 140 0.10 -28.23 7.71
CA ALA A 140 1.48 -28.38 8.16
C ALA A 140 1.62 -27.94 9.62
N GLU A 141 2.85 -28.05 10.14
CA GLU A 141 3.12 -27.81 11.55
C GLU A 141 4.02 -26.58 11.75
N LEU A 142 3.66 -25.74 12.72
CA LEU A 142 4.47 -24.58 13.06
C LEU A 142 5.29 -24.82 14.31
N ARG A 143 6.61 -24.91 14.13
CA ARG A 143 7.54 -25.22 15.20
C ARG A 143 8.23 -23.94 15.67
N VAL A 144 8.55 -23.88 16.96
CA VAL A 144 9.05 -22.65 17.57
C VAL A 144 10.43 -22.83 18.19
N ILE A 145 11.35 -21.97 17.78
CA ILE A 145 12.66 -21.89 18.43
C ILE A 145 12.48 -21.14 19.75
N PRO A 146 12.76 -21.81 20.89
CA PRO A 146 12.53 -21.21 22.20
C PRO A 146 13.58 -20.15 22.58
N LEU A 147 13.23 -19.30 23.55
CA LEU A 147 14.10 -18.22 24.01
C LEU A 147 14.98 -18.61 25.19
N ASN A 148 15.84 -17.67 25.57
CA ASN A 148 16.61 -17.73 26.82
C ASN A 148 16.21 -16.54 27.66
N PRO A 149 16.43 -16.63 28.99
CA PRO A 149 16.04 -15.51 29.86
C PRO A 149 16.73 -14.19 29.48
N ASP A 150 17.86 -14.27 28.78
CA ASP A 150 18.63 -13.09 28.39
C ASP A 150 18.17 -12.54 27.05
N GLY A 151 17.13 -13.13 26.47
CA GLY A 151 16.52 -12.59 25.27
C GLY A 151 17.10 -13.13 23.98
N THR A 152 17.85 -14.22 24.08
CA THR A 152 18.45 -14.85 22.91
C THR A 152 17.79 -16.20 22.66
N LEU A 153 17.77 -16.60 21.39
CA LEU A 153 17.22 -17.88 21.00
C LEU A 153 18.18 -19.00 21.38
N GLN A 154 17.66 -20.21 21.53
CA GLN A 154 18.49 -21.38 21.81
C GLN A 154 18.86 -22.02 20.47
N LEU A 155 20.12 -21.89 20.10
CA LEU A 155 20.58 -22.32 18.79
C LEU A 155 20.72 -23.82 18.75
N GLU A 156 21.15 -24.40 19.87
CA GLU A 156 21.39 -25.83 19.96
C GLU A 156 20.14 -26.65 19.69
N THR A 157 18.97 -26.01 19.80
CA THR A 157 17.71 -26.70 19.54
C THR A 157 17.45 -26.88 18.04
N LEU A 158 18.24 -26.21 17.18
CA LEU A 158 17.91 -26.19 15.76
C LEU A 158 18.01 -27.59 15.13
N PRO A 159 19.11 -28.31 15.38
CA PRO A 159 19.22 -29.68 14.86
C PRO A 159 18.01 -30.56 15.17
N THR A 160 17.38 -30.31 16.31
CA THR A 160 16.20 -31.04 16.74
C THR A 160 14.93 -30.55 16.03
N LEU A 161 14.85 -29.25 15.80
CA LEU A 161 13.66 -28.66 15.19
C LEU A 161 13.61 -28.95 13.69
N PHE A 162 14.79 -28.99 13.06
CA PHE A 162 14.90 -29.31 11.65
C PHE A 162 14.86 -30.82 11.35
N ASP A 163 14.11 -31.19 10.33
CA ASP A 163 14.15 -32.54 9.79
C ASP A 163 13.91 -32.46 8.27
N GLU A 164 13.70 -33.62 7.66
CA GLU A 164 13.54 -33.69 6.21
C GLU A 164 12.22 -33.10 5.70
N LYS A 165 11.31 -32.83 6.64
CA LYS A 165 10.01 -32.26 6.32
C LYS A 165 9.95 -30.73 6.45
N THR A 166 11.08 -30.11 6.80
CA THR A 166 11.11 -28.69 7.08
C THR A 166 11.43 -27.88 5.84
N ARG A 167 10.44 -27.16 5.34
CA ARG A 167 10.56 -26.34 4.14
C ARG A 167 11.18 -24.96 4.39
N LEU A 168 10.77 -24.36 5.50
CA LEU A 168 11.04 -22.94 5.72
C LEU A 168 11.45 -22.62 7.15
N LEU A 169 12.43 -21.71 7.25
CA LEU A 169 12.75 -21.02 8.48
C LEU A 169 12.43 -19.54 8.32
N ALA A 170 11.47 -19.05 9.10
CA ALA A 170 11.15 -17.63 9.12
C ALA A 170 11.71 -17.02 10.39
N ILE A 171 12.71 -16.15 10.26
CA ILE A 171 13.42 -15.63 11.42
C ILE A 171 13.61 -14.12 11.36
N THR A 172 13.65 -13.48 12.51
CA THR A 172 13.82 -12.03 12.59
C THR A 172 15.29 -11.70 12.71
N HIS A 173 15.71 -10.67 11.97
CA HIS A 173 17.08 -10.18 12.05
C HIS A 173 17.32 -9.56 13.42
N VAL A 174 16.45 -8.64 13.79
CA VAL A 174 16.52 -7.94 15.08
C VAL A 174 15.16 -7.86 15.74
N SER A 175 15.10 -8.14 17.04
CA SER A 175 13.85 -8.08 17.78
C SER A 175 13.35 -6.65 17.95
N ASN A 176 12.05 -6.46 17.73
CA ASN A 176 11.44 -5.16 17.89
C ASN A 176 11.26 -4.78 19.36
N VAL A 177 11.31 -5.79 20.23
CA VAL A 177 11.16 -5.59 21.67
C VAL A 177 12.52 -5.62 22.37
N LEU A 178 13.20 -6.76 22.26
CA LEU A 178 14.46 -6.99 22.99
C LEU A 178 15.69 -6.31 22.38
N GLY A 179 15.65 -6.07 21.07
CA GLY A 179 16.81 -5.51 20.39
C GLY A 179 17.87 -6.57 20.12
N THR A 180 17.54 -7.83 20.40
CA THR A 180 18.45 -8.94 20.16
C THR A 180 18.72 -9.10 18.68
N GLU A 181 19.98 -9.24 18.31
CA GLU A 181 20.33 -9.57 16.93
C GLU A 181 20.70 -11.04 16.83
N ASN A 182 19.92 -11.79 16.07
CA ASN A 182 20.11 -13.23 15.95
C ASN A 182 21.26 -13.58 14.99
N PRO A 183 21.93 -14.72 15.22
CA PRO A 183 23.05 -15.15 14.39
C PRO A 183 22.57 -15.75 13.05
N LEU A 184 22.14 -14.89 12.14
CA LEU A 184 21.52 -15.32 10.89
C LEU A 184 22.39 -16.30 10.10
N ALA A 185 23.68 -16.00 9.99
CA ALA A 185 24.62 -16.82 9.24
C ALA A 185 24.60 -18.29 9.66
N GLU A 186 24.74 -18.51 10.96
CA GLU A 186 24.68 -19.86 11.52
C GLU A 186 23.36 -20.52 11.14
N MET A 187 22.26 -19.83 11.42
CA MET A 187 20.94 -20.36 11.16
C MET A 187 20.70 -20.67 9.67
N ILE A 188 21.22 -19.83 8.80
CA ILE A 188 21.00 -20.01 7.37
C ILE A 188 21.85 -21.17 6.87
N THR A 189 23.10 -21.20 7.33
CA THR A 189 23.98 -22.34 7.02
C THR A 189 23.30 -23.64 7.44
N LEU A 190 22.85 -23.70 8.68
CA LEU A 190 22.21 -24.90 9.20
C LEU A 190 20.90 -25.21 8.47
N ALA A 191 20.14 -24.16 8.17
CA ALA A 191 18.84 -24.34 7.52
C ALA A 191 19.00 -24.94 6.12
N HIS A 192 19.95 -24.42 5.36
CA HIS A 192 20.12 -24.88 3.98
C HIS A 192 20.53 -26.35 3.91
N GLN A 193 21.31 -26.80 4.88
CA GLN A 193 21.74 -28.20 4.93
C GLN A 193 20.58 -29.18 4.93
N HIS A 194 19.46 -28.77 5.51
CA HIS A 194 18.25 -29.59 5.53
C HIS A 194 17.37 -29.32 4.31
N GLY A 195 17.86 -28.47 3.41
CA GLY A 195 17.15 -28.16 2.18
C GLY A 195 16.01 -27.19 2.38
N ALA A 196 16.09 -26.39 3.43
CA ALA A 196 15.03 -25.45 3.76
C ALA A 196 15.39 -24.03 3.32
N LYS A 197 14.40 -23.28 2.89
CA LYS A 197 14.59 -21.87 2.59
C LYS A 197 14.51 -21.03 3.88
N VAL A 198 15.14 -19.86 3.86
CA VAL A 198 15.08 -18.93 5.00
C VAL A 198 14.51 -17.57 4.60
N LEU A 199 13.47 -17.16 5.33
CA LEU A 199 12.94 -15.80 5.21
C LEU A 199 13.39 -14.98 6.41
N VAL A 200 13.93 -13.80 6.14
CA VAL A 200 14.40 -12.90 7.19
C VAL A 200 13.54 -11.64 7.31
N ASP A 201 13.09 -11.40 8.54
CA ASP A 201 12.39 -10.16 8.87
C ASP A 201 13.42 -9.16 9.37
N GLY A 202 13.68 -8.14 8.56
CA GLY A 202 14.74 -7.18 8.82
C GLY A 202 14.22 -5.81 9.22
N ALA A 203 12.94 -5.75 9.55
CA ALA A 203 12.26 -4.47 9.75
C ALA A 203 12.98 -3.59 10.78
N GLN A 204 13.61 -4.23 11.75
CA GLN A 204 14.39 -3.53 12.78
C GLN A 204 15.89 -3.50 12.52
N ALA A 205 16.32 -4.00 11.37
CA ALA A 205 17.74 -4.18 11.05
C ALA A 205 18.31 -3.04 10.22
N VAL A 206 17.73 -2.86 9.04
CA VAL A 206 18.33 -2.08 7.97
C VAL A 206 18.77 -0.65 8.31
N MET A 207 18.16 -0.03 9.33
CA MET A 207 18.58 1.33 9.69
C MET A 207 19.75 1.38 10.67
N HIS A 208 20.03 0.26 11.34
CA HIS A 208 21.08 0.21 12.37
C HIS A 208 22.49 -0.02 11.83
N HIS A 209 22.64 -0.91 10.85
CA HIS A 209 23.95 -1.16 10.29
C HIS A 209 23.82 -1.69 8.86
N PRO A 210 24.94 -1.91 8.18
CA PRO A 210 24.87 -2.43 6.81
C PRO A 210 24.29 -3.83 6.75
N VAL A 211 23.51 -4.09 5.70
CA VAL A 211 22.89 -5.40 5.48
C VAL A 211 23.26 -5.89 4.08
N ASP A 212 23.85 -7.08 4.02
CA ASP A 212 24.23 -7.71 2.76
C ASP A 212 23.51 -9.05 2.62
N VAL A 213 22.58 -9.15 1.67
CA VAL A 213 21.78 -10.36 1.52
C VAL A 213 22.51 -11.46 0.77
N GLN A 214 23.56 -11.10 0.04
CA GLN A 214 24.39 -12.11 -0.63
C GLN A 214 25.29 -12.79 0.39
N ALA A 215 25.81 -12.01 1.33
CA ALA A 215 26.66 -12.56 2.39
C ALA A 215 25.83 -13.43 3.33
N LEU A 216 24.63 -12.98 3.67
CA LEU A 216 23.71 -13.73 4.51
C LEU A 216 23.24 -14.99 3.78
N ASP A 217 23.14 -14.88 2.45
CA ASP A 217 22.65 -15.97 1.61
C ASP A 217 21.21 -16.33 1.96
N CYS A 218 20.48 -15.38 2.52
CA CYS A 218 19.08 -15.59 2.84
C CYS A 218 18.25 -15.68 1.55
N ASP A 219 17.22 -16.51 1.58
CA ASP A 219 16.38 -16.71 0.41
C ASP A 219 15.33 -15.61 0.25
N PHE A 220 14.70 -15.20 1.35
CA PHE A 220 13.79 -14.04 1.35
C PHE A 220 14.22 -13.00 2.40
N TYR A 221 14.06 -11.72 2.08
CA TYR A 221 14.33 -10.64 3.04
C TYR A 221 13.28 -9.55 2.94
N VAL A 222 12.68 -9.17 4.06
CA VAL A 222 11.67 -8.10 4.04
C VAL A 222 11.97 -6.93 4.99
N PHE A 223 11.62 -5.72 4.55
CA PHE A 223 11.62 -4.58 5.49
C PHE A 223 10.71 -3.41 5.09
N SER A 224 10.42 -2.57 6.10
CA SER A 224 9.51 -1.44 5.98
C SER A 224 10.25 -0.12 5.84
N GLY A 225 9.69 0.79 5.03
CA GLY A 225 10.31 2.07 4.76
C GLY A 225 10.11 3.10 5.84
N HIS A 226 9.00 3.01 6.56
CA HIS A 226 8.64 4.06 7.51
C HIS A 226 9.49 3.98 8.78
N LYS A 227 10.17 2.85 8.98
CA LYS A 227 11.15 2.74 10.07
C LYS A 227 12.55 3.15 9.60
N LEU A 228 12.70 3.27 8.28
CA LEU A 228 13.97 3.64 7.64
C LEU A 228 14.03 5.16 7.43
N TYR A 229 13.12 5.87 8.10
CA TYR A 229 12.98 7.32 8.00
C TYR A 229 12.45 7.73 6.64
N GLY A 230 11.70 6.81 6.03
CA GLY A 230 11.01 7.08 4.79
C GLY A 230 9.52 7.22 5.04
N PRO A 231 8.73 7.37 3.97
CA PRO A 231 7.27 7.52 4.05
C PRO A 231 6.55 6.22 4.38
N THR A 232 5.29 6.33 4.80
CA THR A 232 4.44 5.18 5.06
C THR A 232 3.95 4.52 3.77
N GLY A 233 3.53 3.26 3.88
CA GLY A 233 2.88 2.57 2.78
C GLY A 233 3.84 2.05 1.73
N ILE A 234 5.10 1.86 2.10
CA ILE A 234 6.08 1.31 1.17
C ILE A 234 7.10 0.45 1.90
N GLY A 235 7.51 -0.64 1.23
CA GLY A 235 8.46 -1.56 1.79
C GLY A 235 9.09 -2.41 0.71
N ILE A 236 10.10 -3.18 1.09
CA ILE A 236 10.84 -3.98 0.11
C ILE A 236 10.80 -5.46 0.47
N LEU A 237 10.56 -6.27 -0.57
CA LEU A 237 10.71 -7.71 -0.53
C LEU A 237 11.84 -8.17 -1.47
N TYR A 238 12.94 -8.65 -0.89
CA TYR A 238 14.01 -9.29 -1.67
C TYR A 238 13.83 -10.80 -1.71
N VAL A 239 13.93 -11.37 -2.91
CA VAL A 239 13.82 -12.81 -3.10
C VAL A 239 14.90 -13.26 -4.08
N LYS A 240 15.55 -14.37 -3.77
CA LYS A 240 16.52 -14.93 -4.68
C LYS A 240 15.89 -15.14 -6.05
N GLU A 241 16.60 -14.66 -7.08
CA GLU A 241 16.10 -14.66 -8.45
C GLU A 241 15.58 -16.02 -8.90
N ALA A 242 16.37 -17.05 -8.67
CA ALA A 242 16.01 -18.39 -9.06
C ALA A 242 14.66 -18.79 -8.49
N LEU A 243 14.42 -18.42 -7.25
CA LEU A 243 13.15 -18.73 -6.58
C LEU A 243 12.05 -17.78 -7.03
N LEU A 244 12.39 -16.50 -7.15
CA LEU A 244 11.40 -15.49 -7.48
C LEU A 244 10.81 -15.73 -8.87
N GLN A 245 11.64 -16.12 -9.83
CA GLN A 245 11.17 -16.34 -11.19
C GLN A 245 10.18 -17.50 -11.29
N GLU A 246 10.24 -18.43 -10.34
CA GLU A 246 9.37 -19.60 -10.35
C GLU A 246 8.12 -19.42 -9.50
N MET A 247 8.00 -18.27 -8.83
CA MET A 247 6.86 -18.01 -7.96
C MET A 247 5.64 -17.54 -8.75
N PRO A 248 4.48 -18.18 -8.53
CA PRO A 248 3.27 -17.72 -9.23
C PRO A 248 2.78 -16.39 -8.68
N PRO A 249 1.96 -15.67 -9.45
CA PRO A 249 1.49 -14.36 -8.96
C PRO A 249 0.56 -14.51 -7.77
N TRP A 250 0.45 -13.46 -6.96
CA TRP A 250 -0.42 -13.46 -5.81
C TRP A 250 -1.67 -12.62 -6.11
N GLU A 251 -1.52 -11.29 -6.14
CA GLU A 251 -2.60 -10.42 -6.58
C GLU A 251 -2.70 -10.43 -8.10
N GLY A 252 -3.93 -10.55 -8.61
CA GLY A 252 -4.17 -10.42 -10.03
C GLY A 252 -4.59 -9.00 -10.36
N GLY A 253 -4.42 -8.61 -11.62
CA GLY A 253 -4.82 -7.28 -12.05
C GLY A 253 -3.95 -6.76 -13.17
N GLY A 254 -4.04 -5.45 -13.39
CA GLY A 254 -3.27 -4.82 -14.44
C GLY A 254 -1.80 -4.75 -14.11
N SER A 255 -1.01 -4.64 -15.17
CA SER A 255 0.43 -4.38 -15.12
C SER A 255 1.25 -5.60 -14.68
N MET A 256 0.61 -6.60 -14.08
CA MET A 256 1.29 -7.85 -13.75
C MET A 256 1.00 -8.94 -14.78
N ILE A 257 0.24 -8.58 -15.81
CA ILE A 257 -0.15 -9.52 -16.86
C ILE A 257 0.63 -9.25 -18.14
N ALA A 258 0.86 -10.33 -18.89
CA ALA A 258 1.37 -10.21 -20.25
C ALA A 258 0.17 -10.00 -21.17
N THR A 259 -0.72 -10.98 -21.19
CA THR A 259 -1.97 -10.90 -21.97
C THR A 259 -3.15 -11.39 -21.14
N VAL A 260 -4.32 -10.82 -21.43
CA VAL A 260 -5.57 -11.23 -20.76
C VAL A 260 -6.64 -11.56 -21.80
N SER A 261 -7.17 -12.77 -21.73
CA SER A 261 -8.24 -13.20 -22.62
C SER A 261 -9.36 -13.88 -21.82
N LEU A 262 -10.59 -13.65 -22.24
CA LEU A 262 -11.76 -14.24 -21.59
C LEU A 262 -12.14 -15.58 -22.24
N SER A 263 -11.32 -15.99 -23.22
CA SER A 263 -11.50 -17.27 -23.91
C SER A 263 -10.25 -18.13 -23.73
N GLU A 264 -9.12 -17.62 -24.23
CA GLU A 264 -7.85 -18.34 -24.19
C GLU A 264 -7.10 -18.18 -22.86
N GLY A 265 -7.70 -17.45 -21.91
CA GLY A 265 -7.11 -17.30 -20.59
C GLY A 265 -6.15 -16.13 -20.39
N THR A 266 -5.20 -16.29 -19.46
CA THR A 266 -4.33 -15.18 -19.04
C THR A 266 -2.90 -15.65 -18.77
N THR A 267 -1.94 -14.82 -19.19
CA THR A 267 -0.52 -15.10 -18.93
C THR A 267 0.14 -13.93 -18.19
N TRP A 268 1.22 -14.22 -17.47
CA TRP A 268 1.84 -13.27 -16.57
C TRP A 268 3.13 -12.71 -17.13
N THR A 269 3.45 -11.47 -16.78
CA THR A 269 4.74 -10.91 -17.13
C THR A 269 5.80 -11.45 -16.17
N LYS A 270 7.05 -11.05 -16.37
CA LYS A 270 8.15 -11.51 -15.52
C LYS A 270 8.17 -10.82 -14.15
N ALA A 271 8.84 -11.44 -13.19
CA ALA A 271 9.11 -10.80 -11.91
C ALA A 271 10.27 -9.80 -12.07
N PRO A 272 10.35 -8.79 -11.19
CA PRO A 272 9.49 -8.47 -10.03
C PRO A 272 8.11 -7.97 -10.39
N TRP A 273 7.94 -7.52 -11.63
CA TRP A 273 6.74 -6.81 -12.02
C TRP A 273 5.49 -7.71 -11.91
N ARG A 274 5.71 -9.02 -11.97
CA ARG A 274 4.61 -10.00 -11.84
C ARG A 274 3.87 -9.84 -10.53
N PHE A 275 4.58 -9.37 -9.51
CA PHE A 275 4.02 -9.26 -8.16
C PHE A 275 3.51 -7.87 -7.79
N GLU A 276 3.57 -6.95 -8.75
CA GLU A 276 3.08 -5.60 -8.53
C GLU A 276 1.86 -5.32 -9.40
N ALA A 277 0.69 -5.27 -8.76
CA ALA A 277 -0.57 -5.16 -9.47
C ALA A 277 -1.23 -3.81 -9.22
N GLY A 278 -1.79 -3.25 -10.28
CA GLY A 278 -2.42 -1.94 -10.21
C GLY A 278 -1.38 -0.85 -10.01
N THR A 279 -1.85 0.37 -9.82
CA THR A 279 -0.97 1.51 -9.62
C THR A 279 -0.19 1.33 -8.31
N PRO A 280 1.15 1.38 -8.39
CA PRO A 280 1.95 1.29 -7.16
C PRO A 280 1.85 2.58 -6.35
N ASN A 281 2.59 2.67 -5.24
CA ASN A 281 2.61 3.93 -4.50
C ASN A 281 3.88 4.67 -4.89
N THR A 282 3.70 5.70 -5.70
CA THR A 282 4.82 6.36 -6.36
C THR A 282 5.50 7.35 -5.43
N GLY A 283 4.70 8.18 -4.76
CA GLY A 283 5.23 9.15 -3.83
C GLY A 283 6.04 8.49 -2.73
N GLY A 284 5.52 7.38 -2.20
CA GLY A 284 6.21 6.62 -1.19
C GLY A 284 7.54 6.08 -1.70
N ILE A 285 7.54 5.62 -2.95
CA ILE A 285 8.76 5.10 -3.58
C ILE A 285 9.79 6.22 -3.71
N ILE A 286 9.37 7.38 -4.22
CA ILE A 286 10.27 8.53 -4.28
C ILE A 286 10.84 8.86 -2.89
N GLY A 287 9.95 8.98 -1.91
CA GLY A 287 10.35 9.28 -0.55
C GLY A 287 11.33 8.24 -0.03
N LEU A 288 11.06 6.98 -0.35
CA LEU A 288 11.95 5.89 0.04
C LEU A 288 13.32 6.09 -0.58
N GLY A 289 13.34 6.43 -1.87
CA GLY A 289 14.59 6.75 -2.53
C GLY A 289 15.35 7.81 -1.77
N ALA A 290 14.67 8.91 -1.47
CA ALA A 290 15.28 9.99 -0.69
C ALA A 290 15.84 9.46 0.65
N ALA A 291 15.04 8.66 1.35
CA ALA A 291 15.45 8.10 2.63
C ALA A 291 16.75 7.31 2.48
N LEU A 292 16.77 6.41 1.49
CA LEU A 292 17.95 5.62 1.22
C LEU A 292 19.15 6.53 0.95
N GLU A 293 18.96 7.55 0.12
CA GLU A 293 20.01 8.53 -0.15
C GLU A 293 20.55 9.16 1.14
N TYR A 294 19.63 9.65 1.96
CA TYR A 294 19.99 10.30 3.22
C TYR A 294 20.80 9.38 4.16
N VAL A 295 20.24 8.21 4.45
CA VAL A 295 20.93 7.27 5.33
C VAL A 295 22.29 6.91 4.71
N SER A 296 22.30 6.61 3.43
CA SER A 296 23.54 6.25 2.73
C SER A 296 24.57 7.39 2.81
N ALA A 297 24.07 8.62 2.71
CA ALA A 297 24.92 9.80 2.78
C ALA A 297 25.53 9.95 4.19
N LEU A 298 24.74 9.74 5.24
CA LEU A 298 25.29 9.77 6.61
C LEU A 298 26.30 8.63 6.83
N GLY A 299 25.96 7.49 6.27
CA GLY A 299 26.74 6.26 6.36
C GLY A 299 26.24 5.43 7.51
N LEU A 300 26.22 4.12 7.32
CA LEU A 300 25.57 3.23 8.28
C LEU A 300 26.47 2.88 9.47
N ASN A 301 27.77 2.79 9.23
CA ASN A 301 28.71 2.49 10.30
C ASN A 301 28.80 3.64 11.30
N ASN A 302 28.72 4.87 10.80
CA ASN A 302 28.64 6.03 11.67
C ASN A 302 27.40 5.95 12.57
N ILE A 303 26.26 5.72 11.94
CA ILE A 303 24.99 5.58 12.65
C ILE A 303 25.11 4.48 13.70
N ALA A 304 25.72 3.36 13.30
CA ALA A 304 25.94 2.24 14.20
C ALA A 304 26.77 2.70 15.40
N GLU A 305 27.85 3.42 15.11
CA GLU A 305 28.74 3.91 16.17
C GLU A 305 28.01 4.82 17.16
N TYR A 306 27.36 5.84 16.62
CA TYR A 306 26.66 6.79 17.47
C TYR A 306 25.56 6.10 18.29
N GLU A 307 24.75 5.29 17.62
CA GLU A 307 23.65 4.60 18.29
C GLU A 307 24.16 3.62 19.34
N GLN A 308 25.25 2.91 19.04
CA GLN A 308 25.84 2.02 20.02
C GLN A 308 26.35 2.77 21.24
N ASN A 309 27.13 3.82 21.02
CA ASN A 309 27.61 4.62 22.15
C ASN A 309 26.46 5.19 22.98
N LEU A 310 25.45 5.71 22.28
CA LEU A 310 24.25 6.20 22.95
C LEU A 310 23.59 5.08 23.78
N MET A 311 23.48 3.89 23.20
CA MET A 311 22.92 2.76 23.92
C MET A 311 23.73 2.44 25.18
N HIS A 312 25.05 2.36 25.04
N HIS A 312 25.06 2.37 25.04
CA HIS A 312 25.92 2.12 26.19
CA HIS A 312 25.93 2.12 26.17
C HIS A 312 25.68 3.15 27.28
C HIS A 312 25.68 3.15 27.27
N TYR A 313 25.64 4.42 26.87
CA TYR A 313 25.34 5.50 27.82
C TYR A 313 24.00 5.26 28.52
N ALA A 314 22.95 5.04 27.73
CA ALA A 314 21.61 4.81 28.31
C ALA A 314 21.62 3.65 29.32
N LEU A 315 22.11 2.48 28.90
CA LEU A 315 22.13 1.33 29.79
C LEU A 315 22.98 1.60 31.04
N SER A 316 24.09 2.32 30.85
CA SER A 316 24.93 2.74 31.97
C SER A 316 24.13 3.59 32.97
N GLN A 317 23.41 4.58 32.45
CA GLN A 317 22.63 5.48 33.27
C GLN A 317 21.43 4.81 33.95
N LEU A 318 20.79 3.88 33.24
CA LEU A 318 19.58 3.22 33.76
C LEU A 318 19.85 2.30 34.96
N GLU A 319 21.12 2.06 35.26
CA GLU A 319 21.46 1.22 36.41
C GLU A 319 21.12 1.92 37.72
N SER A 320 21.05 3.24 37.68
CA SER A 320 20.79 4.03 38.88
C SER A 320 19.30 4.17 39.16
N VAL A 321 18.48 3.55 38.31
CA VAL A 321 17.03 3.58 38.50
C VAL A 321 16.62 2.41 39.39
N PRO A 322 16.01 2.70 40.56
CA PRO A 322 15.60 1.59 41.44
C PRO A 322 14.46 0.77 40.87
N ASP A 323 14.45 -0.52 41.16
CA ASP A 323 13.35 -1.43 40.81
C ASP A 323 13.10 -1.49 39.29
N LEU A 324 14.13 -1.18 38.51
CA LEU A 324 14.03 -1.27 37.06
C LEU A 324 14.37 -2.68 36.57
N THR A 325 13.45 -3.28 35.82
CA THR A 325 13.67 -4.58 35.21
C THR A 325 13.84 -4.41 33.71
N LEU A 326 15.00 -4.84 33.20
CA LEU A 326 15.30 -4.80 31.79
C LEU A 326 15.13 -6.17 31.16
N TYR A 327 14.67 -6.20 29.91
CA TYR A 327 14.57 -7.44 29.15
C TYR A 327 15.49 -7.40 27.93
N GLY A 328 16.15 -8.52 27.64
CA GLY A 328 17.03 -8.62 26.49
C GLY A 328 18.51 -8.59 26.85
N PRO A 329 19.38 -8.80 25.85
CA PRO A 329 20.83 -8.92 26.03
C PRO A 329 21.54 -7.58 26.19
N GLN A 330 22.85 -7.62 26.42
CA GLN A 330 23.64 -6.40 26.58
C GLN A 330 24.05 -5.81 25.24
N ASN A 331 24.05 -6.64 24.21
CA ASN A 331 24.51 -6.28 22.87
C ASN A 331 23.38 -5.70 22.02
N ARG A 332 22.25 -5.45 22.67
CA ARG A 332 21.00 -5.06 22.04
C ARG A 332 21.10 -3.87 21.09
N LEU A 333 20.29 -3.89 20.04
CA LEU A 333 20.23 -2.80 19.06
C LEU A 333 18.95 -1.99 19.13
N GLY A 334 19.09 -0.69 19.38
CA GLY A 334 18.08 0.28 19.02
C GLY A 334 16.98 0.49 20.05
N VAL A 335 16.74 -0.50 20.90
CA VAL A 335 15.62 -0.44 21.84
C VAL A 335 15.98 -1.01 23.21
N ILE A 336 15.34 -0.45 24.22
CA ILE A 336 15.45 -0.92 25.59
C ILE A 336 14.05 -1.21 26.11
N ALA A 337 13.80 -2.49 26.40
CA ALA A 337 12.52 -2.93 26.94
C ALA A 337 12.63 -3.07 28.45
N PHE A 338 11.71 -2.43 29.15
CA PHE A 338 11.77 -2.40 30.60
C PHE A 338 10.42 -2.38 31.28
N ASN A 339 10.46 -2.69 32.57
CA ASN A 339 9.33 -2.49 33.44
C ASN A 339 9.80 -1.91 34.75
N LEU A 340 8.98 -1.04 35.34
CA LEU A 340 9.35 -0.38 36.59
C LEU A 340 8.50 -0.93 37.72
N GLY A 341 9.15 -1.69 38.60
CA GLY A 341 8.48 -2.29 39.74
C GLY A 341 7.24 -3.05 39.36
N LYS A 342 6.20 -2.89 40.19
CA LYS A 342 4.91 -3.51 39.97
C LYS A 342 3.94 -2.56 39.24
N HIS A 343 4.42 -1.37 38.86
CA HIS A 343 3.59 -0.38 38.18
C HIS A 343 3.13 -0.88 36.82
N HIS A 344 1.89 -0.56 36.45
CA HIS A 344 1.38 -0.87 35.12
C HIS A 344 2.16 -0.09 34.06
N ALA A 345 2.48 -0.76 32.96
CA ALA A 345 3.27 -0.14 31.90
C ALA A 345 2.62 1.12 31.33
N TYR A 346 1.30 1.10 31.15
CA TYR A 346 0.61 2.24 30.56
C TYR A 346 0.62 3.45 31.50
N ASP A 347 0.58 3.22 32.80
CA ASP A 347 0.70 4.32 33.76
C ASP A 347 2.06 5.00 33.60
N VAL A 348 3.11 4.18 33.58
CA VAL A 348 4.47 4.67 33.36
C VAL A 348 4.53 5.46 32.06
N GLY A 349 4.08 4.84 30.98
CA GLY A 349 4.04 5.49 29.69
C GLY A 349 3.31 6.83 29.75
N SER A 350 2.17 6.85 30.43
CA SER A 350 1.39 8.08 30.58
C SER A 350 2.19 9.15 31.34
N PHE A 351 2.83 8.76 32.43
CA PHE A 351 3.66 9.70 33.18
C PHE A 351 4.80 10.24 32.32
N LEU A 352 5.44 9.36 31.56
CA LEU A 352 6.50 9.78 30.66
C LEU A 352 5.95 10.69 29.56
N ASP A 353 4.75 10.40 29.09
CA ASP A 353 4.09 11.26 28.11
C ASP A 353 3.84 12.65 28.71
N ASN A 354 3.37 12.68 29.95
CA ASN A 354 3.17 13.95 30.66
C ASN A 354 4.47 14.75 30.75
N TYR A 355 5.61 14.08 30.72
CA TYR A 355 6.90 14.74 30.80
C TYR A 355 7.46 15.05 29.42
N GLY A 356 6.67 14.76 28.39
CA GLY A 356 7.06 15.08 27.02
C GLY A 356 7.94 14.03 26.37
N ILE A 357 7.91 12.83 26.95
CA ILE A 357 8.73 11.73 26.47
C ILE A 357 7.82 10.67 25.86
N ALA A 358 8.16 10.24 24.63
CA ALA A 358 7.35 9.26 23.92
C ALA A 358 7.99 7.88 23.95
N VAL A 359 7.36 6.97 24.67
CA VAL A 359 7.74 5.56 24.67
C VAL A 359 6.50 4.78 24.31
N ARG A 360 6.65 3.51 23.93
CA ARG A 360 5.51 2.68 23.59
C ARG A 360 5.27 1.61 24.66
N THR A 361 4.02 1.22 24.83
CA THR A 361 3.63 0.23 25.83
C THR A 361 2.81 -0.88 25.19
N GLY A 362 2.37 -1.84 26.01
CA GLY A 362 1.58 -2.95 25.54
C GLY A 362 2.40 -4.17 25.18
N HIS A 363 1.84 -5.02 24.32
CA HIS A 363 2.46 -6.29 23.97
C HIS A 363 3.37 -6.18 22.75
N HIS A 364 3.37 -5.02 22.10
CA HIS A 364 4.31 -4.73 21.00
C HIS A 364 4.19 -5.70 19.82
N CSS A 365 3.00 -6.31 19.71
CA CSS A 365 2.66 -7.12 18.71
CB CSS A 365 2.80 -6.55 17.30
SG CSS A 365 1.48 -5.42 16.95
SD CSS A 365 -0.35 -6.29 17.30
C CSS A 365 3.49 -8.24 18.79
O CSS A 365 3.63 -8.91 17.80
H CSS A 365 2.44 -5.64 19.96
HA CSS A 365 1.81 -7.56 18.89
HB2 CSS A 365 2.77 -7.28 16.64
HB3 CSS A 365 3.66 -6.08 17.22
HD CSS A 365 -1.12 -5.48 17.67
N ALA A 366 4.14 -8.54 19.93
CA ALA A 366 4.58 -9.91 20.17
C ALA A 366 4.01 -10.45 21.47
N MET A 367 2.97 -11.27 21.36
CA MET A 367 2.34 -11.86 22.53
C MET A 367 3.15 -13.02 23.15
N PRO A 368 3.63 -13.96 22.32
CA PRO A 368 4.40 -15.09 22.85
C PRO A 368 5.65 -14.66 23.61
N LEU A 369 6.31 -13.62 23.11
CA LEU A 369 7.47 -13.04 23.77
C LEU A 369 7.07 -12.57 25.17
N MET A 370 5.97 -11.83 25.26
CA MET A 370 5.44 -11.40 26.55
C MET A 370 5.08 -12.59 27.42
N ALA A 371 4.49 -13.61 26.79
CA ALA A 371 4.08 -14.82 27.51
C ALA A 371 5.28 -15.51 28.13
N TYR A 372 6.39 -15.57 27.40
CA TYR A 372 7.61 -16.17 27.92
C TYR A 372 8.12 -15.50 29.18
N TYR A 373 7.96 -14.19 29.27
CA TYR A 373 8.47 -13.41 30.41
C TYR A 373 7.45 -13.23 31.54
N ASN A 374 6.27 -13.83 31.37
CA ASN A 374 5.20 -13.75 32.35
C ASN A 374 4.87 -12.32 32.74
N VAL A 375 4.64 -11.49 31.71
CA VAL A 375 4.19 -10.13 31.90
C VAL A 375 3.12 -9.81 30.87
N PRO A 376 2.12 -8.98 31.24
CA PRO A 376 1.11 -8.54 30.26
C PRO A 376 1.67 -7.58 29.20
N ALA A 377 2.69 -6.81 29.56
CA ALA A 377 3.26 -5.81 28.66
C ALA A 377 4.67 -5.37 29.06
N MET A 378 5.29 -4.55 28.23
CA MET A 378 6.58 -3.93 28.52
C MET A 378 6.62 -2.48 28.06
N CYS A 379 7.43 -1.67 28.74
CA CYS A 379 7.77 -0.34 28.22
C CYS A 379 8.91 -0.51 27.23
N ARG A 380 8.92 0.31 26.19
CA ARG A 380 10.01 0.27 25.21
C ARG A 380 10.47 1.66 24.84
N ALA A 381 11.78 1.89 25.02
CA ALA A 381 12.39 3.13 24.58
C ALA A 381 13.32 2.86 23.41
N SER A 382 13.15 3.61 22.32
CA SER A 382 14.01 3.47 21.14
C SER A 382 15.03 4.59 21.10
N LEU A 383 16.28 4.24 20.84
CA LEU A 383 17.33 5.24 20.66
C LEU A 383 17.81 5.20 19.22
N ALA A 384 17.43 6.23 18.46
CA ALA A 384 17.75 6.32 17.05
C ALA A 384 18.87 7.33 16.83
N MET A 385 19.25 7.52 15.58
CA MET A 385 20.41 8.34 15.26
C MET A 385 20.23 9.80 15.65
N TYR A 386 18.99 10.28 15.74
CA TYR A 386 18.77 11.68 16.11
C TYR A 386 18.51 11.87 17.60
N ASN A 387 18.50 10.78 18.37
CA ASN A 387 18.31 10.88 19.81
C ASN A 387 19.61 11.27 20.53
N THR A 388 19.47 11.88 21.71
CA THR A 388 20.60 12.49 22.40
C THR A 388 20.75 12.04 23.85
N HIS A 389 21.90 12.32 24.44
CA HIS A 389 22.14 12.03 25.84
C HIS A 389 21.16 12.75 26.75
N GLU A 390 20.87 14.00 26.42
CA GLU A 390 19.93 14.83 27.18
C GLU A 390 18.58 14.14 27.30
N GLU A 391 18.12 13.53 26.21
CA GLU A 391 16.85 12.83 26.19
C GLU A 391 16.88 11.58 27.07
N VAL A 392 17.99 10.86 27.01
CA VAL A 392 18.19 9.71 27.88
C VAL A 392 18.15 10.17 29.33
N ASP A 393 18.80 11.29 29.61
CA ASP A 393 18.78 11.86 30.95
C ASP A 393 17.34 12.18 31.36
N ARG A 394 16.59 12.80 30.46
CA ARG A 394 15.17 13.06 30.73
C ARG A 394 14.43 11.77 31.07
N LEU A 395 14.68 10.73 30.29
CA LEU A 395 14.09 9.41 30.58
C LEU A 395 14.45 8.91 31.99
N VAL A 396 15.75 8.88 32.29
CA VAL A 396 16.22 8.41 33.60
C VAL A 396 15.61 9.20 34.75
N THR A 397 15.73 10.52 34.68
CA THR A 397 15.19 11.39 35.71
C THR A 397 13.68 11.19 35.83
N GLY A 398 13.02 11.02 34.68
CA GLY A 398 11.59 10.74 34.65
C GLY A 398 11.25 9.48 35.41
N LEU A 399 11.96 8.40 35.10
CA LEU A 399 11.74 7.13 35.78
C LEU A 399 11.95 7.28 37.28
N GLN A 400 13.04 7.95 37.65
CA GLN A 400 13.33 8.22 39.06
C GLN A 400 12.21 9.00 39.74
N ARG A 401 11.72 10.03 39.05
CA ARG A 401 10.63 10.84 39.58
C ARG A 401 9.38 9.98 39.78
N ILE A 402 9.06 9.16 38.79
CA ILE A 402 7.94 8.24 38.92
C ILE A 402 8.13 7.30 40.12
N HIS A 403 9.33 6.76 40.27
CA HIS A 403 9.58 5.88 41.41
C HIS A 403 9.41 6.59 42.75
N ARG A 404 9.99 7.79 42.87
CA ARG A 404 9.80 8.59 44.07
C ARG A 404 8.33 8.86 44.35
N LEU A 405 7.62 9.38 43.36
CA LEU A 405 6.23 9.78 43.54
C LEU A 405 5.30 8.60 43.82
N LEU A 406 5.39 7.54 43.02
CA LEU A 406 4.46 6.42 43.12
C LEU A 406 5.00 5.29 43.99
N GLY A 407 6.22 5.46 44.48
CA GLY A 407 6.80 4.48 45.39
C GLY A 407 7.34 3.26 44.68
N ILE B 3 -20.54 29.79 -7.96
CA ILE B 3 -20.52 28.48 -8.58
C ILE B 3 -19.09 28.21 -9.09
N PHE B 4 -18.95 27.42 -10.15
CA PHE B 4 -17.67 26.80 -10.50
C PHE B 4 -16.79 27.71 -11.35
N SER B 5 -15.53 27.84 -10.95
CA SER B 5 -14.53 28.60 -11.71
C SER B 5 -13.30 27.73 -11.93
N VAL B 6 -13.02 27.38 -13.18
CA VAL B 6 -11.90 26.49 -13.48
C VAL B 6 -10.57 27.19 -13.20
N ASP B 7 -10.55 28.50 -13.26
CA ASP B 7 -9.32 29.25 -13.00
C ASP B 7 -8.97 29.20 -11.52
N LYS B 8 -9.96 29.49 -10.68
CA LYS B 8 -9.76 29.44 -9.24
C LYS B 8 -9.34 28.03 -8.81
N VAL B 9 -9.88 27.02 -9.49
CA VAL B 9 -9.53 25.64 -9.23
C VAL B 9 -8.12 25.33 -9.73
N ARG B 10 -7.82 25.79 -10.94
CA ARG B 10 -6.53 25.54 -11.58
C ARG B 10 -5.39 26.19 -10.81
N ALA B 11 -5.70 27.31 -10.16
CA ALA B 11 -4.72 28.00 -9.31
C ALA B 11 -4.18 27.09 -8.20
N ASP B 12 -4.90 26.04 -7.86
CA ASP B 12 -4.53 25.17 -6.74
C ASP B 12 -3.58 24.03 -7.13
N PHE B 13 -3.42 23.78 -8.43
CA PHE B 13 -2.60 22.66 -8.91
C PHE B 13 -1.31 23.14 -9.54
N PRO B 14 -0.18 22.95 -8.84
CA PRO B 14 1.07 23.49 -9.39
C PRO B 14 1.56 22.85 -10.69
N VAL B 15 1.33 21.55 -10.89
CA VAL B 15 1.81 20.87 -12.09
C VAL B 15 1.27 21.56 -13.35
N LEU B 16 0.12 22.20 -13.24
CA LEU B 16 -0.50 22.85 -14.39
C LEU B 16 0.28 24.09 -14.85
N SER B 17 1.21 24.56 -14.00
CA SER B 17 2.07 25.68 -14.36
C SER B 17 3.32 25.20 -15.10
N ARG B 18 3.54 23.89 -15.07
CA ARG B 18 4.71 23.27 -15.67
C ARG B 18 4.74 23.43 -17.18
N GLU B 19 5.95 23.45 -17.73
CA GLU B 19 6.15 23.35 -19.17
C GLU B 19 6.73 21.98 -19.46
N VAL B 20 6.30 21.37 -20.55
CA VAL B 20 6.78 20.04 -20.93
C VAL B 20 7.28 20.05 -22.37
N ASN B 21 8.51 19.58 -22.55
CA ASN B 21 9.18 19.63 -23.84
C ASN B 21 9.11 21.04 -24.40
N GLY B 22 9.22 22.02 -23.51
CA GLY B 22 9.31 23.43 -23.88
C GLY B 22 7.98 24.12 -24.08
N LEU B 23 6.88 23.41 -23.85
CA LEU B 23 5.54 23.96 -24.10
C LEU B 23 4.66 23.88 -22.85
N PRO B 24 3.66 24.77 -22.75
CA PRO B 24 2.76 24.72 -21.59
C PRO B 24 2.01 23.40 -21.50
N LEU B 25 2.03 22.75 -20.34
CA LEU B 25 1.40 21.45 -20.18
C LEU B 25 -0.11 21.49 -20.37
N ALA B 26 -0.61 20.58 -21.20
CA ALA B 26 -2.02 20.25 -21.19
C ALA B 26 -2.12 18.80 -20.74
N TYR B 27 -2.59 18.57 -19.51
CA TYR B 27 -2.59 17.22 -18.97
C TYR B 27 -3.97 16.63 -19.11
N LEU B 28 -4.10 15.77 -20.10
CA LEU B 28 -5.33 15.08 -20.42
C LEU B 28 -5.32 13.62 -19.96
N ASP B 29 -4.30 13.24 -19.19
CA ASP B 29 -4.15 11.86 -18.75
C ASP B 29 -4.79 11.58 -17.38
N SER B 30 -5.57 12.53 -16.86
CA SER B 30 -6.14 12.43 -15.51
C SER B 30 -6.79 11.08 -15.20
N ALA B 31 -7.36 10.44 -16.22
CA ALA B 31 -7.99 9.14 -16.06
C ALA B 31 -7.00 8.06 -15.62
N ALA B 32 -5.74 8.21 -16.03
CA ALA B 32 -4.69 7.30 -15.56
C ALA B 32 -4.37 7.61 -14.09
N SER B 33 -4.03 8.86 -13.83
CA SER B 33 -3.93 9.35 -12.46
C SER B 33 -4.17 10.86 -12.43
N ALA B 34 -4.81 11.33 -11.36
CA ALA B 34 -5.15 12.73 -11.21
C ALA B 34 -4.04 13.53 -10.56
N GLN B 35 -3.90 14.80 -10.97
CA GLN B 35 -3.01 15.74 -10.29
C GLN B 35 -3.61 16.13 -8.95
N LYS B 36 -2.77 16.64 -8.05
CA LYS B 36 -3.19 16.96 -6.69
C LYS B 36 -3.11 18.46 -6.46
N PRO B 37 -4.05 19.02 -5.66
CA PRO B 37 -3.90 20.42 -5.29
C PRO B 37 -2.94 20.63 -4.13
N SER B 38 -2.59 21.88 -3.83
CA SER B 38 -1.64 22.16 -2.77
C SER B 38 -2.14 21.70 -1.40
N GLN B 39 -3.45 21.70 -1.21
CA GLN B 39 -4.04 21.32 0.07
C GLN B 39 -3.68 19.90 0.46
N VAL B 40 -3.86 18.96 -0.46
CA VAL B 40 -3.57 17.54 -0.24
C VAL B 40 -2.08 17.33 0.07
N ILE B 41 -1.25 17.80 -0.86
CA ILE B 41 0.19 17.69 -0.75
C ILE B 41 0.65 18.27 0.59
N ASP B 42 0.19 19.48 0.88
CA ASP B 42 0.60 20.18 2.09
C ASP B 42 0.02 19.51 3.33
N ALA B 43 -1.14 18.89 3.21
CA ALA B 43 -1.72 18.14 4.33
C ALA B 43 -0.81 16.99 4.73
N GLU B 44 -0.47 16.15 3.73
CA GLU B 44 0.43 15.03 3.98
C GLU B 44 1.78 15.52 4.52
N ALA B 45 2.35 16.51 3.84
CA ALA B 45 3.65 17.06 4.24
C ALA B 45 3.64 17.61 5.66
N GLU B 46 2.63 18.41 5.99
CA GLU B 46 2.54 19.02 7.30
C GLU B 46 2.33 17.96 8.38
N PHE B 47 1.52 16.94 8.07
CA PHE B 47 1.40 15.81 8.97
C PHE B 47 2.77 15.19 9.24
N TYR B 48 3.52 14.92 8.18
CA TYR B 48 4.88 14.40 8.33
C TYR B 48 5.77 15.35 9.12
N ARG B 49 5.62 16.65 8.85
CA ARG B 49 6.51 17.64 9.44
C ARG B 49 6.29 17.85 10.92
N HIS B 50 5.07 18.23 11.33
CA HIS B 50 4.81 18.48 12.74
C HIS B 50 3.97 17.45 13.52
N GLY B 51 3.35 16.49 12.82
CA GLY B 51 2.41 15.59 13.46
C GLY B 51 2.74 14.11 13.60
N TYR B 52 3.87 13.66 13.05
CA TYR B 52 3.99 12.24 12.72
C TYR B 52 4.32 11.31 13.88
N ALA B 53 3.58 10.22 13.96
CA ALA B 53 3.89 9.11 14.84
C ALA B 53 3.21 7.85 14.33
N ALA B 54 3.43 6.73 15.03
CA ALA B 54 2.76 5.49 14.69
C ALA B 54 1.33 5.51 15.23
N VAL B 55 0.46 4.81 14.53
CA VAL B 55 -0.95 4.68 14.91
C VAL B 55 -1.14 3.44 15.79
N HIS B 56 -2.39 2.95 15.87
CA HIS B 56 -2.75 1.77 16.67
C HIS B 56 -2.66 2.05 18.16
N ARG B 57 -3.19 3.20 18.56
CA ARG B 57 -3.41 3.54 19.96
C ARG B 57 -2.15 3.43 20.81
N GLY B 58 -1.09 4.09 20.37
CA GLY B 58 0.10 4.22 21.17
C GLY B 58 -0.25 5.05 22.39
N ILE B 59 0.54 4.91 23.45
CA ILE B 59 0.20 5.55 24.72
C ILE B 59 0.45 7.06 24.69
N HIS B 60 1.40 7.51 23.87
CA HIS B 60 1.75 8.92 23.86
C HIS B 60 0.86 9.71 22.89
N THR B 61 1.05 11.03 22.88
CA THR B 61 0.07 11.95 22.31
C THR B 61 -0.02 11.91 20.79
N LEU B 62 1.12 12.03 20.13
CA LEU B 62 1.14 12.06 18.66
C LEU B 62 0.49 10.82 18.08
N SER B 63 0.73 9.68 18.72
CA SER B 63 0.20 8.40 18.26
C SER B 63 -1.33 8.39 18.36
N ALA B 64 -1.85 8.80 19.51
CA ALA B 64 -3.28 8.90 19.73
C ALA B 64 -3.92 9.81 18.69
N GLN B 65 -3.36 11.01 18.57
CA GLN B 65 -3.88 11.99 17.62
C GLN B 65 -3.86 11.47 16.19
N ALA B 66 -2.76 10.81 15.81
CA ALA B 66 -2.64 10.19 14.50
C ALA B 66 -3.76 9.17 14.28
N THR B 67 -3.95 8.30 15.27
CA THR B 67 -5.03 7.31 15.22
C THR B 67 -6.39 7.97 14.98
N GLU B 68 -6.72 8.96 15.78
CA GLU B 68 -7.99 9.65 15.62
C GLU B 68 -8.10 10.30 14.25
N LYS B 69 -7.02 10.91 13.78
CA LYS B 69 -7.01 11.48 12.43
C LYS B 69 -7.39 10.43 11.39
N MET B 70 -6.73 9.28 11.47
CA MET B 70 -7.01 8.16 10.57
C MET B 70 -8.50 7.78 10.60
N GLU B 71 -9.03 7.51 11.79
CA GLU B 71 -10.43 7.12 11.89
C GLU B 71 -11.38 8.24 11.43
N ASN B 72 -11.00 9.49 11.68
CA ASN B 72 -11.78 10.63 11.17
C ASN B 72 -11.82 10.61 9.64
N VAL B 73 -10.69 10.36 9.00
CA VAL B 73 -10.69 10.21 7.55
C VAL B 73 -11.64 9.09 7.13
N ARG B 74 -11.55 7.95 7.80
CA ARG B 74 -12.49 6.87 7.51
C ARG B 74 -13.94 7.37 7.55
N LYS B 75 -14.29 8.07 8.62
CA LYS B 75 -15.61 8.67 8.76
C LYS B 75 -15.97 9.57 7.57
N ARG B 76 -15.07 10.51 7.25
CA ARG B 76 -15.30 11.42 6.14
C ARG B 76 -15.60 10.67 4.85
N ALA B 77 -14.81 9.64 4.57
CA ALA B 77 -15.01 8.80 3.40
C ALA B 77 -16.39 8.14 3.40
N SER B 78 -16.75 7.52 4.52
CA SER B 78 -18.07 6.90 4.62
C SER B 78 -19.15 7.94 4.30
N LEU B 79 -19.03 9.15 4.85
CA LEU B 79 -20.00 10.20 4.52
C LEU B 79 -19.93 10.59 3.04
N PHE B 80 -18.72 10.62 2.47
CA PHE B 80 -18.52 10.96 1.07
C PHE B 80 -19.29 10.04 0.13
N ILE B 81 -19.19 8.73 0.35
CA ILE B 81 -19.96 7.79 -0.48
C ILE B 81 -21.30 7.41 0.14
N ASN B 82 -21.62 8.02 1.28
CA ASN B 82 -22.88 7.79 1.99
C ASN B 82 -23.09 6.33 2.38
N ALA B 83 -22.09 5.75 3.03
CA ALA B 83 -22.25 4.47 3.69
C ALA B 83 -22.98 4.69 5.02
N ARG B 84 -23.66 3.66 5.51
CA ARG B 84 -24.37 3.75 6.77
C ARG B 84 -23.42 4.00 7.93
N SER B 85 -22.33 3.25 7.94
CA SER B 85 -21.36 3.28 9.01
C SER B 85 -19.94 3.37 8.49
N ALA B 86 -19.07 4.04 9.23
CA ALA B 86 -17.66 4.12 8.87
C ALA B 86 -16.99 2.75 8.99
N GLU B 87 -17.63 1.84 9.74
CA GLU B 87 -17.12 0.48 9.91
C GLU B 87 -17.32 -0.38 8.68
N GLU B 88 -18.03 0.15 7.68
CA GLU B 88 -18.23 -0.57 6.43
C GLU B 88 -17.13 -0.26 5.42
N LEU B 89 -16.17 0.57 5.83
CA LEU B 89 -15.09 0.99 4.95
C LEU B 89 -13.73 0.41 5.35
N VAL B 90 -12.99 -0.07 4.35
CA VAL B 90 -11.66 -0.61 4.56
C VAL B 90 -10.62 0.19 3.78
N PHE B 91 -9.48 0.46 4.43
CA PHE B 91 -8.36 1.11 3.75
C PHE B 91 -7.55 0.09 2.96
N VAL B 92 -7.35 0.37 1.67
CA VAL B 92 -6.61 -0.52 0.79
C VAL B 92 -5.60 0.29 -0.02
N ARG B 93 -4.68 -0.41 -0.68
CA ARG B 93 -3.69 0.23 -1.52
C ARG B 93 -4.35 0.93 -2.71
N GLY B 94 -5.52 0.44 -3.10
CA GLY B 94 -6.24 0.96 -4.24
C GLY B 94 -7.29 -0.04 -4.68
N THR B 95 -7.99 0.27 -5.78
CA THR B 95 -9.04 -0.59 -6.30
C THR B 95 -8.61 -2.05 -6.42
N THR B 96 -7.42 -2.25 -6.97
CA THR B 96 -6.95 -3.59 -7.28
C THR B 96 -6.89 -4.46 -6.02
N GLU B 97 -6.26 -3.94 -4.97
CA GLU B 97 -6.14 -4.71 -3.73
C GLU B 97 -7.53 -4.98 -3.15
N GLY B 98 -8.43 -4.01 -3.27
CA GLY B 98 -9.79 -4.19 -2.79
C GLY B 98 -10.47 -5.35 -3.47
N ILE B 99 -10.44 -5.34 -4.79
CA ILE B 99 -11.03 -6.42 -5.56
C ILE B 99 -10.39 -7.75 -5.20
N ASN B 100 -9.05 -7.79 -5.13
CA ASN B 100 -8.38 -9.01 -4.74
C ASN B 100 -8.81 -9.49 -3.36
N LEU B 101 -8.93 -8.53 -2.43
CA LEU B 101 -9.32 -8.83 -1.06
C LEU B 101 -10.69 -9.50 -1.05
N VAL B 102 -11.63 -8.92 -1.78
CA VAL B 102 -12.96 -9.53 -1.93
C VAL B 102 -12.87 -10.90 -2.62
N ALA B 103 -12.08 -10.98 -3.69
CA ALA B 103 -11.98 -12.21 -4.47
C ALA B 103 -11.47 -13.37 -3.62
N ASN B 104 -10.51 -13.08 -2.76
CA ASN B 104 -9.97 -14.09 -1.86
C ASN B 104 -10.84 -14.31 -0.63
N SER B 105 -10.98 -13.27 0.19
CA SER B 105 -11.69 -13.37 1.45
C SER B 105 -13.11 -13.89 1.24
N TRP B 106 -13.94 -13.10 0.57
CA TRP B 106 -15.33 -13.45 0.34
C TRP B 106 -15.46 -14.58 -0.70
N GLY B 107 -14.71 -14.47 -1.79
CA GLY B 107 -14.85 -15.39 -2.90
C GLY B 107 -14.60 -16.86 -2.57
N ASN B 108 -13.55 -17.13 -1.79
CA ASN B 108 -13.18 -18.50 -1.49
C ASN B 108 -14.26 -19.24 -0.72
N SER B 109 -14.89 -18.53 0.21
CA SER B 109 -15.97 -19.10 1.00
C SER B 109 -17.34 -19.10 0.28
N ASN B 110 -17.57 -18.11 -0.58
CA ASN B 110 -18.88 -17.94 -1.23
C ASN B 110 -19.02 -18.49 -2.66
N VAL B 111 -17.94 -19.00 -3.24
CA VAL B 111 -17.96 -19.51 -4.62
C VAL B 111 -17.38 -20.91 -4.67
N ARG B 112 -18.14 -21.85 -5.23
CA ARG B 112 -17.77 -23.25 -5.19
C ARG B 112 -17.83 -23.87 -6.58
N ALA B 113 -17.47 -25.15 -6.67
CA ALA B 113 -17.44 -25.84 -7.94
C ALA B 113 -18.85 -25.90 -8.54
N GLY B 114 -18.95 -25.53 -9.82
CA GLY B 114 -20.22 -25.52 -10.53
C GLY B 114 -20.91 -24.18 -10.52
N ASP B 115 -20.51 -23.30 -9.59
CA ASP B 115 -21.07 -21.97 -9.55
C ASP B 115 -20.47 -21.14 -10.67
N ASN B 116 -20.90 -19.88 -10.79
CA ASN B 116 -20.38 -18.99 -11.82
C ASN B 116 -20.42 -17.52 -11.41
N ILE B 117 -19.52 -16.74 -12.00
CA ILE B 117 -19.44 -15.31 -11.78
C ILE B 117 -19.69 -14.59 -13.09
N ILE B 118 -20.30 -13.41 -13.01
CA ILE B 118 -20.55 -12.59 -14.20
C ILE B 118 -19.72 -11.31 -14.16
N ILE B 119 -19.03 -11.05 -15.27
CA ILE B 119 -18.37 -9.77 -15.52
C ILE B 119 -18.82 -9.24 -16.88
N SER B 120 -18.22 -8.15 -17.33
CA SER B 120 -18.54 -7.56 -18.63
C SER B 120 -17.28 -7.45 -19.48
N GLN B 121 -17.46 -7.24 -20.78
CA GLN B 121 -16.36 -7.26 -21.72
C GLN B 121 -15.51 -5.98 -21.67
N MET B 122 -16.03 -4.94 -21.01
CA MET B 122 -15.34 -3.65 -20.95
C MET B 122 -14.50 -3.50 -19.69
N GLU B 123 -14.46 -4.55 -18.87
CA GLU B 123 -13.82 -4.47 -17.56
C GLU B 123 -12.33 -4.19 -17.62
N HIS B 124 -11.86 -3.45 -16.62
CA HIS B 124 -10.44 -3.27 -16.37
C HIS B 124 -9.87 -4.60 -15.89
N HIS B 125 -8.60 -4.85 -16.18
CA HIS B 125 -7.96 -6.10 -15.78
C HIS B 125 -8.07 -6.36 -14.27
N ALA B 126 -8.12 -5.29 -13.50
CA ALA B 126 -8.24 -5.37 -12.05
C ALA B 126 -9.52 -6.11 -11.67
N ASN B 127 -10.58 -5.85 -12.44
CA ASN B 127 -11.87 -6.49 -12.22
C ASN B 127 -12.07 -7.73 -13.07
N ILE B 128 -11.01 -8.18 -13.72
CA ILE B 128 -11.05 -9.43 -14.48
C ILE B 128 -10.24 -10.53 -13.78
N VAL B 129 -8.93 -10.33 -13.66
CA VAL B 129 -8.00 -11.40 -13.30
C VAL B 129 -8.26 -12.09 -11.96
N PRO B 130 -8.57 -11.32 -10.90
CA PRO B 130 -8.80 -11.97 -9.60
C PRO B 130 -9.93 -12.99 -9.64
N TRP B 131 -10.93 -12.73 -10.49
CA TRP B 131 -12.06 -13.64 -10.63
C TRP B 131 -11.65 -14.86 -11.44
N GLN B 132 -10.76 -14.65 -12.41
CA GLN B 132 -10.20 -15.78 -13.13
C GLN B 132 -9.48 -16.68 -12.14
N MET B 133 -8.63 -16.06 -11.31
CA MET B 133 -7.90 -16.79 -10.28
C MET B 133 -8.85 -17.57 -9.38
N LEU B 134 -9.88 -16.89 -8.87
CA LEU B 134 -10.88 -17.53 -8.04
C LEU B 134 -11.52 -18.73 -8.75
N CYS B 135 -12.08 -18.48 -9.94
CA CYS B 135 -12.69 -19.54 -10.75
C CYS B 135 -11.75 -20.73 -10.95
N ALA B 136 -10.48 -20.45 -11.20
CA ALA B 136 -9.48 -21.52 -11.31
C ALA B 136 -9.32 -22.25 -9.97
N ARG B 137 -9.31 -21.49 -8.87
CA ARG B 137 -9.13 -22.10 -7.55
C ARG B 137 -10.28 -23.04 -7.21
N VAL B 138 -11.52 -22.54 -7.29
CA VAL B 138 -12.66 -23.34 -6.84
C VAL B 138 -13.36 -24.10 -7.97
N GLY B 139 -12.90 -23.92 -9.20
CA GLY B 139 -13.51 -24.59 -10.33
C GLY B 139 -14.87 -24.04 -10.72
N ALA B 140 -14.95 -22.72 -10.87
CA ALA B 140 -16.19 -22.06 -11.27
C ALA B 140 -16.05 -21.46 -12.66
N GLU B 141 -17.13 -20.86 -13.15
CA GLU B 141 -17.21 -20.34 -14.51
C GLU B 141 -17.31 -18.81 -14.55
N LEU B 142 -16.57 -18.20 -15.45
CA LEU B 142 -16.64 -16.75 -15.64
C LEU B 142 -17.46 -16.42 -16.88
N ARG B 143 -18.62 -15.81 -16.68
CA ARG B 143 -19.52 -15.44 -17.78
C ARG B 143 -19.41 -13.96 -18.09
N VAL B 144 -19.56 -13.60 -19.35
CA VAL B 144 -19.29 -12.24 -19.80
C VAL B 144 -20.47 -11.56 -20.48
N ILE B 145 -20.80 -10.35 -20.02
CA ILE B 145 -21.80 -9.52 -20.67
C ILE B 145 -21.17 -8.90 -21.92
N PRO B 146 -21.71 -9.20 -23.12
CA PRO B 146 -21.10 -8.71 -24.35
C PRO B 146 -21.35 -7.22 -24.60
N LEU B 147 -20.53 -6.61 -25.46
CA LEU B 147 -20.66 -5.19 -25.77
C LEU B 147 -21.57 -4.90 -26.95
N ASN B 148 -21.78 -3.61 -27.21
CA ASN B 148 -22.41 -3.11 -28.41
C ASN B 148 -21.41 -2.25 -29.14
N PRO B 149 -21.58 -2.07 -30.46
CA PRO B 149 -20.63 -1.24 -31.20
C PRO B 149 -20.54 0.20 -30.69
N ASP B 150 -21.60 0.66 -30.01
CA ASP B 150 -21.65 2.03 -29.52
C ASP B 150 -21.05 2.17 -28.12
N GLY B 151 -20.51 1.08 -27.59
CA GLY B 151 -19.77 1.11 -26.34
C GLY B 151 -20.60 0.85 -25.09
N THR B 152 -21.81 0.34 -25.28
CA THR B 152 -22.71 0.04 -24.17
C THR B 152 -22.84 -1.47 -24.03
N LEU B 153 -23.14 -1.94 -22.82
CA LEU B 153 -23.32 -3.36 -22.59
C LEU B 153 -24.67 -3.80 -23.16
N GLN B 154 -24.79 -5.09 -23.46
CA GLN B 154 -26.07 -5.61 -23.90
C GLN B 154 -26.78 -6.06 -22.65
N LEU B 155 -27.77 -5.28 -22.24
CA LEU B 155 -28.44 -5.49 -20.97
C LEU B 155 -29.42 -6.66 -21.08
N GLU B 156 -30.03 -6.78 -22.26
CA GLU B 156 -31.02 -7.80 -22.53
C GLU B 156 -30.44 -9.21 -22.38
N THR B 157 -29.11 -9.32 -22.41
CA THR B 157 -28.48 -10.63 -22.27
C THR B 157 -28.41 -11.08 -20.82
N LEU B 158 -28.65 -10.17 -19.87
CA LEU B 158 -28.43 -10.49 -18.46
C LEU B 158 -29.33 -11.59 -17.89
N PRO B 159 -30.65 -11.49 -18.10
CA PRO B 159 -31.58 -12.50 -17.58
C PRO B 159 -31.17 -13.94 -17.89
N THR B 160 -30.52 -14.12 -19.04
CA THR B 160 -30.06 -15.44 -19.48
C THR B 160 -28.77 -15.83 -18.76
N LEU B 161 -27.93 -14.83 -18.48
CA LEU B 161 -26.64 -15.08 -17.85
C LEU B 161 -26.77 -15.44 -16.38
N PHE B 162 -27.79 -14.89 -15.73
CA PHE B 162 -28.07 -15.20 -14.33
C PHE B 162 -28.84 -16.51 -14.18
N ASP B 163 -28.44 -17.31 -13.20
CA ASP B 163 -29.23 -18.47 -12.77
C ASP B 163 -29.02 -18.67 -11.27
N GLU B 164 -29.48 -19.78 -10.73
CA GLU B 164 -29.37 -20.01 -9.29
C GLU B 164 -27.92 -20.29 -8.89
N LYS B 165 -27.06 -20.49 -9.89
CA LYS B 165 -25.65 -20.77 -9.64
C LYS B 165 -24.79 -19.52 -9.71
N THR B 166 -25.41 -18.36 -9.92
CA THR B 166 -24.65 -17.13 -10.04
C THR B 166 -24.52 -16.45 -8.69
N ARG B 167 -23.30 -16.45 -8.16
CA ARG B 167 -22.99 -15.85 -6.86
C ARG B 167 -22.73 -14.36 -6.93
N LEU B 168 -22.01 -13.92 -7.98
CA LEU B 168 -21.47 -12.57 -8.03
C LEU B 168 -21.55 -11.93 -9.40
N LEU B 169 -21.89 -10.64 -9.40
CA LEU B 169 -21.70 -9.78 -10.57
C LEU B 169 -20.64 -8.74 -10.22
N ALA B 170 -19.52 -8.80 -10.90
CA ALA B 170 -18.48 -7.78 -10.75
C ALA B 170 -18.54 -6.86 -11.96
N ILE B 171 -18.97 -5.61 -11.72
CA ILE B 171 -19.24 -4.70 -12.82
C ILE B 171 -18.65 -3.31 -12.57
N THR B 172 -18.30 -2.62 -13.66
CA THR B 172 -17.71 -1.30 -13.56
C THR B 172 -18.78 -0.20 -13.60
N HIS B 173 -18.61 0.79 -12.72
CA HIS B 173 -19.51 1.92 -12.69
C HIS B 173 -19.33 2.76 -13.96
N VAL B 174 -18.07 3.08 -14.25
CA VAL B 174 -17.71 3.86 -15.43
C VAL B 174 -16.48 3.26 -16.11
N SER B 175 -16.53 3.10 -17.43
CA SER B 175 -15.42 2.53 -18.18
C SER B 175 -14.22 3.45 -18.24
N ASN B 176 -13.03 2.88 -18.01
CA ASN B 176 -11.80 3.68 -18.01
C ASN B 176 -11.39 4.08 -19.43
N VAL B 177 -11.94 3.39 -20.41
CA VAL B 177 -11.63 3.64 -21.82
C VAL B 177 -12.76 4.45 -22.48
N LEU B 178 -13.95 3.86 -22.52
CA LEU B 178 -15.08 4.41 -23.26
C LEU B 178 -15.78 5.55 -22.54
N GLY B 179 -15.71 5.56 -21.21
CA GLY B 179 -16.43 6.55 -20.42
C GLY B 179 -17.91 6.19 -20.27
N THR B 180 -18.26 4.98 -20.68
CA THR B 180 -19.63 4.49 -20.55
C THR B 180 -20.03 4.40 -19.09
N GLU B 181 -21.20 4.92 -18.75
CA GLU B 181 -21.74 4.74 -17.41
C GLU B 181 -22.84 3.68 -17.43
N ASN B 182 -22.60 2.57 -16.75
CA ASN B 182 -23.53 1.45 -16.77
C ASN B 182 -24.76 1.68 -15.90
N PRO B 183 -25.90 1.11 -16.29
CA PRO B 183 -27.12 1.23 -15.49
C PRO B 183 -27.09 0.33 -14.27
N LEU B 184 -26.31 0.71 -13.26
CA LEU B 184 -26.07 -0.10 -12.07
C LEU B 184 -27.35 -0.52 -11.35
N ALA B 185 -28.26 0.42 -11.14
CA ALA B 185 -29.50 0.14 -10.41
C ALA B 185 -30.23 -1.07 -11.00
N GLU B 186 -30.43 -1.04 -12.32
CA GLU B 186 -31.07 -2.13 -13.03
C GLU B 186 -30.35 -3.46 -12.80
N MET B 187 -29.03 -3.44 -13.00
CA MET B 187 -28.20 -4.63 -12.89
C MET B 187 -28.25 -5.20 -11.49
N ILE B 188 -28.28 -4.31 -10.50
CA ILE B 188 -28.26 -4.70 -9.10
C ILE B 188 -29.61 -5.28 -8.71
N THR B 189 -30.68 -4.65 -9.20
CA THR B 189 -32.02 -5.20 -9.03
C THR B 189 -32.09 -6.63 -9.58
N LEU B 190 -31.68 -6.77 -10.83
CA LEU B 190 -31.71 -8.07 -11.49
C LEU B 190 -30.79 -9.04 -10.78
N ALA B 191 -29.63 -8.55 -10.35
CA ALA B 191 -28.65 -9.39 -9.70
C ALA B 191 -29.21 -9.92 -8.38
N HIS B 192 -29.81 -9.03 -7.61
CA HIS B 192 -30.34 -9.42 -6.31
C HIS B 192 -31.53 -10.35 -6.46
N GLN B 193 -32.34 -10.16 -7.50
CA GLN B 193 -33.48 -11.06 -7.73
C GLN B 193 -33.06 -12.53 -7.80
N HIS B 194 -31.85 -12.78 -8.30
CA HIS B 194 -31.32 -14.14 -8.37
C HIS B 194 -30.53 -14.53 -7.13
N GLY B 195 -30.45 -13.62 -6.16
CA GLY B 195 -29.73 -13.90 -4.93
C GLY B 195 -28.23 -13.78 -5.09
N ALA B 196 -27.81 -12.95 -6.04
CA ALA B 196 -26.39 -12.75 -6.31
C ALA B 196 -25.90 -11.42 -5.72
N LYS B 197 -24.66 -11.41 -5.26
CA LYS B 197 -24.02 -10.18 -4.80
C LYS B 197 -23.47 -9.36 -5.99
N VAL B 198 -23.33 -8.06 -5.77
CA VAL B 198 -22.76 -7.16 -6.78
C VAL B 198 -21.54 -6.42 -6.23
N LEU B 199 -20.43 -6.53 -6.94
CA LEU B 199 -19.27 -5.69 -6.69
C LEU B 199 -19.18 -4.62 -7.76
N VAL B 200 -19.00 -3.38 -7.31
CA VAL B 200 -18.91 -2.23 -8.21
C VAL B 200 -17.50 -1.64 -8.22
N ASP B 201 -16.96 -1.53 -9.42
CA ASP B 201 -15.67 -0.88 -9.65
C ASP B 201 -15.99 0.58 -9.96
N GLY B 202 -15.66 1.45 -9.01
CA GLY B 202 -16.01 2.86 -9.07
C GLY B 202 -14.83 3.76 -9.31
N ALA B 203 -13.72 3.17 -9.73
CA ALA B 203 -12.46 3.91 -9.86
C ALA B 203 -12.57 5.12 -10.79
N GLN B 204 -13.40 5.03 -11.82
CA GLN B 204 -13.63 6.16 -12.74
C GLN B 204 -14.87 6.99 -12.47
N ALA B 205 -15.57 6.67 -11.39
CA ALA B 205 -16.86 7.28 -11.07
C ALA B 205 -16.74 8.44 -10.08
N VAL B 206 -16.20 8.13 -8.92
CA VAL B 206 -16.29 8.98 -7.72
C VAL B 206 -15.85 10.45 -7.84
N MET B 207 -14.99 10.78 -8.80
CA MET B 207 -14.57 12.17 -9.00
C MET B 207 -15.50 12.96 -9.93
N HIS B 208 -16.33 12.27 -10.71
CA HIS B 208 -17.21 12.92 -11.68
C HIS B 208 -18.55 13.43 -11.11
N HIS B 209 -19.17 12.65 -10.24
CA HIS B 209 -20.45 13.04 -9.65
C HIS B 209 -20.66 12.34 -8.31
N PRO B 210 -21.77 12.65 -7.60
CA PRO B 210 -22.04 12.02 -6.31
C PRO B 210 -22.31 10.52 -6.41
N VAL B 211 -21.83 9.77 -5.43
CA VAL B 211 -22.02 8.32 -5.37
C VAL B 211 -22.66 7.94 -4.04
N ASP B 212 -23.82 7.29 -4.11
CA ASP B 212 -24.57 6.87 -2.94
C ASP B 212 -24.71 5.36 -2.98
N VAL B 213 -24.02 4.66 -2.09
CA VAL B 213 -24.01 3.20 -2.14
C VAL B 213 -25.27 2.62 -1.51
N GLN B 214 -25.94 3.41 -0.67
CA GLN B 214 -27.20 2.98 -0.09
C GLN B 214 -28.28 3.04 -1.14
N ALA B 215 -28.22 4.05 -1.99
CA ALA B 215 -29.17 4.18 -3.09
C ALA B 215 -28.92 3.06 -4.10
N LEU B 216 -27.65 2.82 -4.40
CA LEU B 216 -27.27 1.76 -5.33
C LEU B 216 -27.56 0.38 -4.74
N ASP B 217 -27.46 0.27 -3.42
CA ASP B 217 -27.66 -1.02 -2.73
C ASP B 217 -26.64 -2.05 -3.21
N CYS B 218 -25.50 -1.58 -3.70
CA CYS B 218 -24.42 -2.45 -4.11
C CYS B 218 -23.77 -3.11 -2.89
N ASP B 219 -23.34 -4.36 -3.06
CA ASP B 219 -22.76 -5.13 -1.95
C ASP B 219 -21.31 -4.79 -1.71
N PHE B 220 -20.54 -4.63 -2.77
CA PHE B 220 -19.17 -4.14 -2.65
C PHE B 220 -18.95 -2.91 -3.54
N TYR B 221 -18.15 -1.96 -3.06
CA TYR B 221 -17.78 -0.81 -3.88
C TYR B 221 -16.30 -0.49 -3.67
N VAL B 222 -15.54 -0.35 -4.75
CA VAL B 222 -14.12 -0.03 -4.60
C VAL B 222 -13.70 1.23 -5.36
N PHE B 223 -12.77 2.00 -4.80
CA PHE B 223 -12.15 3.08 -5.59
C PHE B 223 -10.77 3.51 -5.10
N SER B 224 -10.05 4.18 -6.00
CA SER B 224 -8.67 4.62 -5.75
C SER B 224 -8.57 6.10 -5.42
N GLY B 225 -7.64 6.45 -4.54
CA GLY B 225 -7.50 7.81 -4.09
C GLY B 225 -6.73 8.71 -5.05
N HIS B 226 -5.84 8.12 -5.84
CA HIS B 226 -4.96 8.92 -6.68
C HIS B 226 -5.68 9.46 -7.92
N LYS B 227 -6.83 8.89 -8.24
CA LYS B 227 -7.68 9.42 -9.30
C LYS B 227 -8.68 10.44 -8.76
N LEU B 228 -8.81 10.47 -7.43
CA LEU B 228 -9.70 11.40 -6.74
C LEU B 228 -8.93 12.66 -6.32
N TYR B 229 -7.76 12.85 -6.94
CA TYR B 229 -6.85 13.96 -6.65
C TYR B 229 -6.21 13.82 -5.29
N GLY B 230 -6.10 12.58 -4.82
CA GLY B 230 -5.39 12.26 -3.59
C GLY B 230 -4.05 11.62 -3.87
N PRO B 231 -3.35 11.20 -2.82
CA PRO B 231 -2.02 10.56 -2.94
C PRO B 231 -2.09 9.13 -3.48
N THR B 232 -0.96 8.62 -3.92
CA THR B 232 -0.87 7.24 -4.36
C THR B 232 -0.85 6.27 -3.17
N GLY B 233 -1.19 5.01 -3.43
CA GLY B 233 -1.03 3.96 -2.45
C GLY B 233 -2.13 3.92 -1.41
N ILE B 234 -3.28 4.52 -1.72
CA ILE B 234 -4.41 4.51 -0.80
C ILE B 234 -5.71 4.45 -1.58
N GLY B 235 -6.66 3.67 -1.06
CA GLY B 235 -7.94 3.49 -1.70
C GLY B 235 -8.95 2.97 -0.71
N ILE B 236 -10.21 2.92 -1.13
CA ILE B 236 -11.30 2.51 -0.25
C ILE B 236 -12.04 1.30 -0.78
N LEU B 237 -12.28 0.37 0.14
CA LEU B 237 -13.18 -0.76 -0.09
C LEU B 237 -14.41 -0.69 0.82
N TYR B 238 -15.56 -0.42 0.21
CA TYR B 238 -16.84 -0.48 0.91
C TYR B 238 -17.49 -1.84 0.76
N VAL B 239 -17.92 -2.39 1.89
CA VAL B 239 -18.60 -3.67 1.91
C VAL B 239 -19.78 -3.59 2.87
N LYS B 240 -20.92 -4.12 2.45
CA LYS B 240 -22.09 -4.19 3.33
C LYS B 240 -21.71 -4.88 4.63
N GLU B 241 -22.08 -4.23 5.74
CA GLU B 241 -21.71 -4.69 7.07
C GLU B 241 -22.03 -6.17 7.30
N ALA B 242 -23.25 -6.56 6.93
CA ALA B 242 -23.71 -7.93 7.09
C ALA B 242 -22.77 -8.93 6.42
N LEU B 243 -22.25 -8.56 5.25
CA LEU B 243 -21.31 -9.43 4.53
C LEU B 243 -19.92 -9.34 5.14
N LEU B 244 -19.52 -8.12 5.48
CA LEU B 244 -18.18 -7.87 5.99
C LEU B 244 -17.96 -8.61 7.31
N GLN B 245 -19.00 -8.67 8.15
CA GLN B 245 -18.87 -9.33 9.45
C GLN B 245 -18.60 -10.82 9.34
N GLU B 246 -19.01 -11.43 8.23
CA GLU B 246 -18.83 -12.87 8.03
C GLU B 246 -17.58 -13.20 7.20
N MET B 247 -16.86 -12.21 6.72
CA MET B 247 -15.69 -12.44 5.88
C MET B 247 -14.44 -12.78 6.70
N PRO B 248 -13.75 -13.88 6.36
CA PRO B 248 -12.51 -14.20 7.08
C PRO B 248 -11.37 -13.28 6.70
N PRO B 249 -10.33 -13.19 7.54
CA PRO B 249 -9.20 -12.31 7.22
C PRO B 249 -8.41 -12.81 6.02
N TRP B 250 -7.71 -11.91 5.35
CA TRP B 250 -6.91 -12.24 4.18
C TRP B 250 -5.43 -12.23 4.54
N GLU B 251 -4.86 -11.04 4.71
CA GLU B 251 -3.49 -10.91 5.20
C GLU B 251 -3.46 -11.13 6.69
N GLY B 252 -2.49 -11.91 7.16
CA GLY B 252 -2.27 -12.08 8.59
C GLY B 252 -1.20 -11.12 9.08
N GLY B 253 -1.21 -10.85 10.38
CA GLY B 253 -0.19 -9.98 10.97
C GLY B 253 -0.67 -9.21 12.19
N GLY B 254 0.07 -8.18 12.54
CA GLY B 254 -0.26 -7.36 13.69
C GLY B 254 -1.48 -6.51 13.44
N SER B 255 -2.13 -6.10 14.53
CA SER B 255 -3.20 -5.12 14.53
C SER B 255 -4.54 -5.65 14.03
N MET B 256 -4.52 -6.76 13.29
CA MET B 256 -5.75 -7.40 12.84
C MET B 256 -6.12 -8.60 13.72
N ILE B 257 -5.33 -8.82 14.76
CA ILE B 257 -5.55 -9.94 15.68
C ILE B 257 -6.12 -9.48 17.02
N ALA B 258 -6.90 -10.35 17.64
CA ALA B 258 -7.32 -10.18 19.02
C ALA B 258 -6.24 -10.72 19.94
N THR B 259 -5.97 -12.02 19.82
CA THR B 259 -4.92 -12.69 20.59
C THR B 259 -4.09 -13.59 19.68
N VAL B 260 -2.81 -13.75 20.01
CA VAL B 260 -1.91 -14.62 19.25
C VAL B 260 -1.25 -15.63 20.18
N SER B 261 -1.41 -16.90 19.87
CA SER B 261 -0.80 -17.98 20.64
C SER B 261 -0.17 -19.03 19.72
N LEU B 262 0.97 -19.58 20.13
CA LEU B 262 1.66 -20.59 19.34
C LEU B 262 1.23 -22.00 19.78
N SER B 263 0.28 -22.04 20.71
CA SER B 263 -0.30 -23.29 21.21
C SER B 263 -1.81 -23.31 20.94
N GLU B 264 -2.50 -22.32 21.50
CA GLU B 264 -3.96 -22.23 21.39
C GLU B 264 -4.43 -21.60 20.07
N GLY B 265 -3.48 -21.23 19.20
CA GLY B 265 -3.82 -20.65 17.91
C GLY B 265 -4.01 -19.15 17.96
N THR B 266 -4.83 -18.61 17.06
CA THR B 266 -4.97 -17.16 16.88
C THR B 266 -6.41 -16.77 16.56
N THR B 267 -6.84 -15.64 17.12
CA THR B 267 -8.18 -15.10 16.88
C THR B 267 -8.14 -13.66 16.35
N TRP B 268 -9.21 -13.25 15.68
CA TRP B 268 -9.24 -11.97 14.95
C TRP B 268 -10.07 -10.90 15.65
N THR B 269 -9.66 -9.65 15.47
CA THR B 269 -10.44 -8.51 15.95
C THR B 269 -11.61 -8.23 15.00
N LYS B 270 -12.40 -7.20 15.29
CA LYS B 270 -13.56 -6.86 14.47
C LYS B 270 -13.15 -6.27 13.12
N ALA B 271 -14.05 -6.32 12.15
CA ALA B 271 -13.87 -5.56 10.91
C ALA B 271 -14.25 -4.12 11.19
N PRO B 272 -13.73 -3.17 10.40
CA PRO B 272 -12.81 -3.29 9.27
C PRO B 272 -11.38 -3.66 9.65
N TRP B 273 -11.02 -3.44 10.91
CA TRP B 273 -9.62 -3.52 11.32
C TRP B 273 -9.03 -4.90 11.08
N ARG B 274 -9.90 -5.91 11.01
CA ARG B 274 -9.51 -7.28 10.70
C ARG B 274 -8.78 -7.36 9.36
N PHE B 275 -9.10 -6.42 8.47
CA PHE B 275 -8.55 -6.42 7.12
C PHE B 275 -7.40 -5.45 6.92
N GLU B 276 -6.99 -4.78 8.00
CA GLU B 276 -5.85 -3.87 7.93
C GLU B 276 -4.69 -4.38 8.78
N ALA B 277 -3.66 -4.88 8.12
CA ALA B 277 -2.54 -5.53 8.80
C ALA B 277 -1.27 -4.70 8.70
N GLY B 278 -0.52 -4.66 9.81
CA GLY B 278 0.69 -3.87 9.88
C GLY B 278 0.39 -2.39 9.89
N THR B 279 1.43 -1.57 9.81
CA THR B 279 1.26 -0.12 9.78
C THR B 279 0.53 0.26 8.50
N PRO B 280 -0.59 0.97 8.61
CA PRO B 280 -1.26 1.43 7.39
C PRO B 280 -0.48 2.55 6.72
N ASN B 281 -0.99 3.10 5.62
CA ASN B 281 -0.35 4.26 5.03
C ASN B 281 -1.03 5.51 5.54
N THR B 282 -0.36 6.17 6.48
CA THR B 282 -0.97 7.25 7.25
C THR B 282 -0.98 8.54 6.44
N GLY B 283 0.17 8.86 5.84
CA GLY B 283 0.28 10.05 5.02
C GLY B 283 -0.74 10.04 3.90
N GLY B 284 -0.87 8.87 3.27
CA GLY B 284 -1.84 8.71 2.19
C GLY B 284 -3.25 8.94 2.67
N ILE B 285 -3.56 8.44 3.87
CA ILE B 285 -4.88 8.62 4.46
C ILE B 285 -5.15 10.10 4.73
N ILE B 286 -4.19 10.78 5.34
CA ILE B 286 -4.32 12.22 5.58
C ILE B 286 -4.60 12.96 4.27
N GLY B 287 -3.75 12.69 3.28
CA GLY B 287 -3.91 13.31 1.98
C GLY B 287 -5.27 13.00 1.39
N LEU B 288 -5.71 11.75 1.55
CA LEU B 288 -7.01 11.34 1.05
C LEU B 288 -8.12 12.17 1.69
N GLY B 289 -8.03 12.33 3.00
CA GLY B 289 -8.97 13.17 3.73
C GLY B 289 -9.01 14.57 3.12
N ALA B 290 -7.82 15.15 2.94
CA ALA B 290 -7.71 16.47 2.32
C ALA B 290 -8.40 16.52 0.95
N ALA B 291 -8.13 15.51 0.12
CA ALA B 291 -8.72 15.41 -1.21
C ALA B 291 -10.25 15.41 -1.14
N LEU B 292 -10.79 14.53 -0.30
CA LEU B 292 -12.24 14.48 -0.11
C LEU B 292 -12.80 15.84 0.31
N GLU B 293 -12.13 16.49 1.27
CA GLU B 293 -12.52 17.84 1.68
C GLU B 293 -12.57 18.81 0.49
N TYR B 294 -11.49 18.82 -0.29
CA TYR B 294 -11.38 19.70 -1.47
C TYR B 294 -12.51 19.48 -2.48
N VAL B 295 -12.67 18.21 -2.88
CA VAL B 295 -13.73 17.84 -3.83
C VAL B 295 -15.11 18.20 -3.28
N SER B 296 -15.36 17.87 -2.02
CA SER B 296 -16.64 18.20 -1.40
C SER B 296 -16.85 19.71 -1.34
N ALA B 297 -15.78 20.45 -1.08
CA ALA B 297 -15.89 21.90 -1.00
C ALA B 297 -16.27 22.47 -2.36
N LEU B 298 -15.66 21.95 -3.43
CA LEU B 298 -16.09 22.38 -4.77
C LEU B 298 -17.54 21.98 -5.10
N GLY B 299 -17.90 20.78 -4.65
CA GLY B 299 -19.22 20.20 -4.88
C GLY B 299 -19.21 19.34 -6.12
N LEU B 300 -19.89 18.21 -6.06
CA LEU B 300 -19.76 17.20 -7.12
C LEU B 300 -20.65 17.48 -8.32
N ASN B 301 -21.83 18.04 -8.06
CA ASN B 301 -22.75 18.38 -9.12
C ASN B 301 -22.20 19.52 -9.98
N ASN B 302 -21.52 20.46 -9.34
CA ASN B 302 -20.82 21.53 -10.05
C ASN B 302 -19.80 20.96 -11.02
N ILE B 303 -18.93 20.10 -10.48
CA ILE B 303 -17.92 19.42 -11.26
C ILE B 303 -18.56 18.64 -12.40
N ALA B 304 -19.66 17.95 -12.09
CA ALA B 304 -20.38 17.18 -13.11
C ALA B 304 -20.86 18.09 -14.25
N GLU B 305 -21.47 19.21 -13.89
CA GLU B 305 -21.96 20.14 -14.89
C GLU B 305 -20.81 20.69 -15.75
N TYR B 306 -19.77 21.19 -15.09
CA TYR B 306 -18.64 21.76 -15.80
C TYR B 306 -17.97 20.73 -16.72
N GLU B 307 -17.71 19.54 -16.19
CA GLU B 307 -17.07 18.47 -16.95
C GLU B 307 -17.97 18.04 -18.12
N GLN B 308 -19.28 18.03 -17.90
CA GLN B 308 -20.23 17.74 -18.97
C GLN B 308 -20.15 18.78 -20.09
N ASN B 309 -20.22 20.06 -19.74
CA ASN B 309 -20.10 21.11 -20.76
C ASN B 309 -18.78 21.01 -21.53
N LEU B 310 -17.69 20.78 -20.79
CA LEU B 310 -16.38 20.57 -21.40
C LEU B 310 -16.40 19.39 -22.37
N MET B 311 -16.99 18.28 -21.96
CA MET B 311 -17.12 17.11 -22.84
C MET B 311 -17.89 17.45 -24.12
N HIS B 312 -19.05 18.09 -23.96
CA HIS B 312 -19.86 18.50 -25.12
C HIS B 312 -19.03 19.34 -26.08
N TYR B 313 -18.33 20.33 -25.53
CA TYR B 313 -17.45 21.17 -26.34
C TYR B 313 -16.42 20.34 -27.09
N ALA B 314 -15.70 19.50 -26.37
CA ALA B 314 -14.68 18.64 -26.98
C ALA B 314 -15.25 17.78 -28.11
N LEU B 315 -16.32 17.04 -27.82
CA LEU B 315 -16.93 16.18 -28.83
C LEU B 315 -17.41 16.99 -30.03
N SER B 316 -17.94 18.18 -29.76
CA SER B 316 -18.33 19.09 -30.84
C SER B 316 -17.14 19.46 -31.72
N GLN B 317 -16.04 19.87 -31.11
CA GLN B 317 -14.87 20.29 -31.87
C GLN B 317 -14.17 19.15 -32.60
N LEU B 318 -14.16 17.96 -32.01
CA LEU B 318 -13.46 16.83 -32.63
C LEU B 318 -14.09 16.37 -33.94
N GLU B 319 -15.26 16.88 -34.29
CA GLU B 319 -15.91 16.51 -35.54
C GLU B 319 -15.13 17.04 -36.75
N SER B 320 -14.32 18.07 -36.53
CA SER B 320 -13.56 18.69 -37.61
C SER B 320 -12.23 18.02 -37.87
N VAL B 321 -11.93 16.96 -37.12
CA VAL B 321 -10.69 16.22 -37.32
C VAL B 321 -10.89 15.12 -38.36
N PRO B 322 -10.12 15.14 -39.46
CA PRO B 322 -10.25 14.06 -40.44
C PRO B 322 -9.73 12.73 -39.92
N ASP B 323 -10.33 11.63 -40.37
CA ASP B 323 -9.86 10.28 -40.05
C ASP B 323 -9.85 10.01 -38.55
N LEU B 324 -10.63 10.76 -37.80
CA LEU B 324 -10.74 10.53 -36.37
C LEU B 324 -11.85 9.52 -36.13
N THR B 325 -11.49 8.43 -35.46
CA THR B 325 -12.45 7.40 -35.06
C THR B 325 -12.60 7.44 -33.56
N LEU B 326 -13.82 7.68 -33.09
CA LEU B 326 -14.11 7.67 -31.66
C LEU B 326 -14.77 6.36 -31.25
N TYR B 327 -14.48 5.92 -30.03
CA TYR B 327 -15.10 4.74 -29.47
C TYR B 327 -15.93 5.09 -28.23
N GLY B 328 -17.11 4.49 -28.12
CA GLY B 328 -17.99 4.72 -26.98
C GLY B 328 -19.19 5.58 -27.33
N PRO B 329 -20.12 5.75 -26.38
CA PRO B 329 -21.36 6.48 -26.60
C PRO B 329 -21.21 8.00 -26.56
N GLN B 330 -22.29 8.71 -26.82
CA GLN B 330 -22.28 10.17 -26.83
C GLN B 330 -22.42 10.78 -25.44
N ASN B 331 -22.99 10.02 -24.51
CA ASN B 331 -23.28 10.50 -23.16
C ASN B 331 -22.12 10.25 -22.20
N ARG B 332 -20.98 9.84 -22.75
CA ARG B 332 -19.82 9.41 -21.98
C ARG B 332 -19.33 10.40 -20.92
N LEU B 333 -18.77 9.85 -19.84
CA LEU B 333 -18.19 10.64 -18.75
C LEU B 333 -16.66 10.60 -18.74
N GLY B 334 -16.05 11.78 -18.83
CA GLY B 334 -14.68 11.98 -18.36
C GLY B 334 -13.55 11.67 -19.33
N VAL B 335 -13.78 10.81 -20.32
CA VAL B 335 -12.73 10.37 -21.24
C VAL B 335 -13.21 10.20 -22.67
N ILE B 336 -12.29 10.43 -23.61
CA ILE B 336 -12.56 10.23 -25.03
C ILE B 336 -11.50 9.30 -25.61
N ALA B 337 -11.95 8.13 -26.06
CA ALA B 337 -11.07 7.13 -26.68
C ALA B 337 -11.16 7.23 -28.20
N PHE B 338 -10.01 7.35 -28.85
CA PHE B 338 -9.97 7.58 -30.28
C PHE B 338 -8.77 6.96 -30.99
N ASN B 339 -8.89 6.85 -32.32
CA ASN B 339 -7.76 6.52 -33.17
C ASN B 339 -7.76 7.38 -34.42
N LEU B 340 -6.56 7.72 -34.90
CA LEU B 340 -6.41 8.60 -36.05
C LEU B 340 -5.92 7.85 -37.28
N GLY B 341 -6.80 7.70 -38.27
CA GLY B 341 -6.46 6.98 -39.49
C GLY B 341 -5.90 5.59 -39.24
N LYS B 342 -4.88 5.23 -40.02
CA LYS B 342 -4.22 3.94 -39.88
C LYS B 342 -2.98 4.06 -39.00
N HIS B 343 -2.74 5.25 -38.45
CA HIS B 343 -1.57 5.51 -37.62
C HIS B 343 -1.61 4.72 -36.30
N HIS B 344 -0.44 4.23 -35.89
CA HIS B 344 -0.29 3.57 -34.59
C HIS B 344 -0.59 4.56 -33.48
N ALA B 345 -1.32 4.11 -32.47
CA ALA B 345 -1.72 4.98 -31.37
C ALA B 345 -0.53 5.62 -30.68
N TYR B 346 0.54 4.85 -30.49
CA TYR B 346 1.68 5.36 -29.75
C TYR B 346 2.36 6.50 -30.51
N ASP B 347 2.37 6.44 -31.84
CA ASP B 347 2.93 7.53 -32.63
C ASP B 347 2.13 8.80 -32.40
N VAL B 348 0.81 8.68 -32.47
CA VAL B 348 -0.09 9.80 -32.22
C VAL B 348 0.17 10.39 -30.82
N GLY B 349 0.16 9.53 -29.81
CA GLY B 349 0.48 9.94 -28.45
C GLY B 349 1.82 10.66 -28.34
N SER B 350 2.85 10.12 -28.98
CA SER B 350 4.17 10.75 -28.94
C SER B 350 4.19 12.12 -29.60
N PHE B 351 3.59 12.21 -30.78
CA PHE B 351 3.52 13.47 -31.47
C PHE B 351 2.75 14.49 -30.62
N LEU B 352 1.65 14.06 -30.00
CA LEU B 352 0.91 14.95 -29.11
C LEU B 352 1.74 15.35 -27.89
N ASP B 353 2.56 14.43 -27.41
CA ASP B 353 3.48 14.73 -26.31
C ASP B 353 4.48 15.82 -26.73
N ASN B 354 4.98 15.73 -27.96
CA ASN B 354 5.85 16.78 -28.50
C ASN B 354 5.20 18.16 -28.48
N TYR B 355 3.87 18.20 -28.48
CA TYR B 355 3.12 19.45 -28.47
C TYR B 355 2.76 19.90 -27.04
N GLY B 356 3.24 19.16 -26.05
CA GLY B 356 3.01 19.50 -24.66
C GLY B 356 1.67 18.99 -24.15
N ILE B 357 1.10 18.02 -24.87
CA ILE B 357 -0.20 17.45 -24.52
C ILE B 357 -0.06 16.00 -24.06
N ALA B 358 -0.58 15.68 -22.88
CA ALA B 358 -0.44 14.35 -22.32
C ALA B 358 -1.74 13.55 -22.44
N VAL B 359 -1.70 12.55 -23.32
CA VAL B 359 -2.79 11.58 -23.47
C VAL B 359 -2.18 10.19 -23.31
N ARG B 360 -3.00 9.18 -23.08
CA ARG B 360 -2.49 7.82 -22.94
C ARG B 360 -2.84 6.92 -24.13
N THR B 361 -1.98 5.94 -24.36
CA THR B 361 -2.13 4.99 -25.46
C THR B 361 -2.04 3.56 -24.94
N GLY B 362 -2.14 2.59 -25.85
CA GLY B 362 -2.08 1.18 -25.50
C GLY B 362 -3.44 0.57 -25.27
N HIS B 363 -3.49 -0.54 -24.54
CA HIS B 363 -4.74 -1.28 -24.35
C HIS B 363 -5.49 -0.82 -23.09
N HIS B 364 -4.85 0.03 -22.30
CA HIS B 364 -5.50 0.66 -21.15
C HIS B 364 -5.98 -0.35 -20.11
N CSS B 365 -5.36 -1.53 -20.12
CA CSS B 365 -5.53 -2.50 -19.23
CB CSS B 365 -5.38 -2.10 -17.75
SG CSS B 365 -3.68 -1.69 -17.40
SD CSS B 365 -2.39 -3.20 -17.97
C CSS B 365 -6.82 -2.97 -19.39
O CSS B 365 -7.36 -3.54 -18.45
H CSS B 365 -4.63 -0.98 -20.07
HA CSS B 365 -5.04 -3.30 -19.49
HB2 CSS B 365 -5.65 -2.86 -17.19
HB3 CSS B 365 -5.94 -1.32 -17.56
HD CSS B 365 -2.78 -4.22 -17.55
N ALA B 366 -7.46 -2.78 -20.56
CA ALA B 366 -8.56 -3.68 -20.95
C ALA B 366 -8.28 -4.26 -22.34
N MET B 367 -7.79 -5.49 -22.38
CA MET B 367 -7.47 -6.13 -23.65
C MET B 367 -8.70 -6.66 -24.40
N PRO B 368 -9.63 -7.31 -23.69
CA PRO B 368 -10.83 -7.85 -24.34
C PRO B 368 -11.64 -6.76 -25.03
N LEU B 369 -11.70 -5.60 -24.39
CA LEU B 369 -12.36 -4.44 -24.96
C LEU B 369 -11.69 -4.08 -26.28
N MET B 370 -10.37 -3.99 -26.29
CA MET B 370 -9.64 -3.73 -27.53
C MET B 370 -9.89 -4.84 -28.56
N ALA B 371 -9.95 -6.08 -28.09
CA ALA B 371 -10.19 -7.22 -28.98
C ALA B 371 -11.54 -7.10 -29.67
N TYR B 372 -12.54 -6.65 -28.91
CA TYR B 372 -13.88 -6.49 -29.46
C TYR B 372 -13.92 -5.48 -30.60
N TYR B 373 -13.10 -4.44 -30.53
CA TYR B 373 -13.09 -3.38 -31.54
C TYR B 373 -12.07 -3.64 -32.65
N ASN B 374 -11.42 -4.81 -32.60
CA ASN B 374 -10.40 -5.18 -33.58
C ASN B 374 -9.29 -4.13 -33.71
N VAL B 375 -8.75 -3.71 -32.56
CA VAL B 375 -7.60 -2.83 -32.53
C VAL B 375 -6.66 -3.24 -31.42
N PRO B 376 -5.33 -3.08 -31.63
CA PRO B 376 -4.38 -3.36 -30.55
C PRO B 376 -4.42 -2.31 -29.43
N ALA B 377 -4.76 -1.07 -29.79
CA ALA B 377 -4.71 0.03 -28.83
C ALA B 377 -5.61 1.22 -29.25
N MET B 378 -5.80 2.14 -28.31
CA MET B 378 -6.53 3.39 -28.55
C MET B 378 -5.82 4.56 -27.90
N CYS B 379 -5.98 5.76 -28.45
CA CYS B 379 -5.59 6.97 -27.75
C CYS B 379 -6.72 7.32 -26.81
N ARG B 380 -6.37 7.88 -25.65
CA ARG B 380 -7.39 8.31 -24.71
C ARG B 380 -7.05 9.67 -24.15
N ALA B 381 -8.00 10.60 -24.27
CA ALA B 381 -7.87 11.92 -23.67
C ALA B 381 -8.85 12.06 -22.50
N SER B 382 -8.37 12.51 -21.34
CA SER B 382 -9.22 12.73 -20.18
C SER B 382 -9.52 14.20 -20.05
N LEU B 383 -10.78 14.52 -19.77
CA LEU B 383 -11.17 15.89 -19.48
C LEU B 383 -11.62 15.95 -18.03
N ALA B 384 -10.77 16.55 -17.19
CA ALA B 384 -11.02 16.63 -15.76
C ALA B 384 -11.50 18.02 -15.36
N MET B 385 -11.76 18.21 -14.07
CA MET B 385 -12.34 19.46 -13.60
C MET B 385 -11.40 20.66 -13.80
N TYR B 386 -10.09 20.40 -13.90
CA TYR B 386 -9.12 21.49 -14.09
C TYR B 386 -8.74 21.72 -15.55
N ASN B 387 -9.29 20.91 -16.45
CA ASN B 387 -9.05 21.07 -17.88
C ASN B 387 -9.91 22.19 -18.49
N THR B 388 -9.44 22.75 -19.60
CA THR B 388 -10.07 23.94 -20.19
C THR B 388 -10.37 23.78 -21.68
N HIS B 389 -11.19 24.69 -22.21
CA HIS B 389 -11.51 24.73 -23.64
C HIS B 389 -10.24 24.96 -24.46
N GLU B 390 -9.37 25.81 -23.92
CA GLU B 390 -8.09 26.13 -24.51
C GLU B 390 -7.29 24.87 -24.82
N GLU B 391 -7.28 23.95 -23.86
CA GLU B 391 -6.55 22.69 -24.00
C GLU B 391 -7.20 21.79 -25.04
N VAL B 392 -8.53 21.76 -25.06
CA VAL B 392 -9.25 21.02 -26.08
C VAL B 392 -8.91 21.56 -27.47
N ASP B 393 -8.90 22.88 -27.60
CA ASP B 393 -8.53 23.51 -28.87
C ASP B 393 -7.14 23.05 -29.26
N ARG B 394 -6.21 23.10 -28.30
CA ARG B 394 -4.86 22.60 -28.53
C ARG B 394 -4.83 21.13 -28.99
N LEU B 395 -5.64 20.28 -28.36
CA LEU B 395 -5.74 18.88 -28.77
C LEU B 395 -6.20 18.75 -30.22
N VAL B 396 -7.31 19.41 -30.56
CA VAL B 396 -7.84 19.38 -31.91
C VAL B 396 -6.80 19.83 -32.94
N THR B 397 -6.21 21.00 -32.69
CA THR B 397 -5.20 21.53 -33.59
C THR B 397 -4.02 20.56 -33.71
N GLY B 398 -3.64 19.98 -32.59
CA GLY B 398 -2.58 18.99 -32.55
C GLY B 398 -2.89 17.79 -33.44
N LEU B 399 -4.09 17.23 -33.27
CA LEU B 399 -4.51 16.10 -34.09
C LEU B 399 -4.50 16.47 -35.56
N GLN B 400 -5.05 17.64 -35.87
CA GLN B 400 -5.04 18.12 -37.25
C GLN B 400 -3.61 18.23 -37.81
N ARG B 401 -2.69 18.78 -37.03
CA ARG B 401 -1.29 18.89 -37.45
C ARG B 401 -0.67 17.51 -37.69
N ILE B 402 -0.93 16.58 -36.77
CA ILE B 402 -0.47 15.20 -36.93
C ILE B 402 -1.02 14.63 -38.24
N HIS B 403 -2.30 14.91 -38.51
CA HIS B 403 -2.90 14.46 -39.75
C HIS B 403 -2.19 15.06 -40.96
N ARG B 404 -1.89 16.37 -40.91
CA ARG B 404 -1.13 17.00 -41.98
C ARG B 404 0.20 16.28 -42.20
N LEU B 405 0.98 16.15 -41.13
CA LEU B 405 2.34 15.63 -41.21
C LEU B 405 2.43 14.15 -41.60
N LEU B 406 1.61 13.30 -41.00
CA LEU B 406 1.75 11.87 -41.21
C LEU B 406 0.90 11.33 -42.35
N GLY B 407 0.06 12.19 -42.93
CA GLY B 407 -0.77 11.79 -44.04
C GLY B 407 -2.00 11.01 -43.61
N1 PLP C . 8.41 -7.12 12.06
C2 PLP C . 9.15 -6.28 12.82
C2A PLP C . 10.33 -6.82 13.59
C3 PLP C . 8.79 -4.94 12.88
O3 PLP C . 9.55 -4.05 13.67
C4 PLP C . 7.72 -4.48 12.17
C4A PLP C . 7.34 -3.02 12.23
C5 PLP C . 6.99 -5.34 11.40
C6 PLP C . 7.34 -6.67 11.36
C5A PLP C . 5.78 -4.86 10.62
O4P PLP C . 6.11 -3.91 9.62
P PLP C . 4.96 -3.03 8.98
O1P PLP C . 4.16 -3.72 7.94
O2P PLP C . 5.44 -1.80 8.31
O3P PLP C . 3.96 -2.55 9.95
H2A1 PLP C . 10.74 -6.09 14.12
H2A2 PLP C . 10.99 -7.18 12.97
H2A3 PLP C . 10.03 -7.52 14.21
HO3 PLP C . 9.15 -3.93 14.45
H6 PLP C . 6.82 -7.30 10.81
H5A1 PLP C . 5.35 -5.62 10.19
H5A2 PLP C . 5.15 -4.44 11.24
C1 EDO D . 29.04 -5.11 -0.39
O1 EDO D . 28.58 -3.75 -0.48
C2 EDO D . 29.48 -5.43 1.03
O2 EDO D . 30.83 -5.01 1.22
H11 EDO D . 28.24 -5.79 -0.70
H12 EDO D . 29.88 -5.26 -1.08
HO1 EDO D . 28.31 -3.56 -1.39
H21 EDO D . 28.83 -4.91 1.74
H22 EDO D . 29.39 -6.51 1.20
HO2 EDO D . 31.11 -5.22 2.12
N CYS E . 5.14 -2.74 14.24
CA CYS E . 4.81 -1.83 15.37
C CYS E . 5.88 -1.88 16.48
O CYS E . 5.85 -1.07 17.42
CB CYS E . 3.44 -2.18 15.95
SG CYS E . 2.12 -1.05 15.45
OXT CYS E . 6.78 -2.71 16.47
H1 CYS E . 4.55 -3.41 14.23
H2 CYS E . 5.09 -2.29 13.48
H3 CYS E . 5.96 -3.07 14.34
HA CYS E . 4.77 -0.92 15.04
HB2 CYS E . 3.19 -3.08 15.65
HB3 CYS E . 3.49 -2.17 16.92
HG CYS E . 2.40 0.06 15.83
N1 PLP F . -10.51 -0.29 -12.57
C2 PLP F . -10.71 0.90 -13.21
C2A PLP F . -11.99 1.12 -13.99
C3 PLP F . -9.73 1.87 -13.15
O3 PLP F . -9.90 3.10 -13.80
C4 PLP F . -8.58 1.64 -12.43
C4A PLP F . -7.52 2.71 -12.37
C5 PLP F . -8.39 0.46 -11.78
C6 PLP F . -9.38 -0.52 -11.85
C5A PLP F . -7.10 0.20 -10.99
O4P PLP F . -6.90 1.13 -9.95
P PLP F . -5.55 1.13 -9.12
O1P PLP F . -5.43 0.02 -8.15
O2P PLP F . -5.32 2.34 -8.32
O3P PLP F . -4.34 1.01 -9.95
H2A1 PLP F . -11.96 2.01 -14.42
H2A2 PLP F . -12.76 1.08 -13.39
H2A3 PLP F . -12.08 0.43 -14.68
HO3 PLP F . -9.26 3.20 -14.41
H6 PLP F . -9.26 -1.37 -11.40
H5A1 PLP F . -6.36 0.25 -11.61
H5A2 PLP F . -7.15 -0.70 -10.61
C1 EDO G . -17.35 -3.32 -33.25
O1 EDO G . -17.64 -2.26 -34.17
C2 EDO G . -17.45 -4.68 -33.95
O2 EDO G . -18.76 -4.85 -34.52
H11 EDO G . -16.35 -3.19 -32.85
H12 EDO G . -18.06 -3.28 -32.42
HO1 EDO G . -17.58 -1.40 -33.72
H21 EDO G . -16.70 -4.75 -34.73
H22 EDO G . -17.26 -5.48 -33.22
HO2 EDO G . -18.80 -5.72 -34.96
C1 CIT H . -5.99 3.62 -16.81
O1 CIT H . -7.14 3.29 -17.17
O2 CIT H . -5.24 4.14 -17.66
C2 CIT H . -5.55 3.41 -15.38
C3 CIT H . -4.33 2.50 -15.25
O7 CIT H . -4.46 1.33 -16.10
C4 CIT H . -3.03 3.24 -15.54
C5 CIT H . -1.87 2.27 -15.55
O3 CIT H . -1.79 1.36 -16.40
O4 CIT H . -0.97 2.36 -14.69
C6 CIT H . -4.26 2.09 -13.79
O5 CIT H . -4.68 2.86 -12.90
O6 CIT H . -3.78 0.98 -13.46
H21 CIT H . -5.32 4.38 -14.94
H22 CIT H . -6.38 2.99 -14.82
HO7 CIT H . -4.49 0.53 -15.55
H41 CIT H . -2.86 4.01 -14.79
H42 CIT H . -3.10 3.73 -16.52
#